data_6NVF
#
_entry.id   6NVF
#
_cell.length_a   54.401
_cell.length_b   104.342
_cell.length_c   154.297
_cell.angle_alpha   90.000
_cell.angle_beta   90.000
_cell.angle_gamma   90.000
#
_symmetry.space_group_name_H-M   'P 21 21 21'
#
loop_
_entity.id
_entity.type
_entity.pdbx_description
1 polymer 'ATP-dependent dethiobiotin synthetase BioD'
2 non-polymer '(4-{[(1S,2S)-2-(carboxymethyl)cyclopentyl]methyl}phenyl)acetic acid'
3 non-polymer 'SULFATE ION'
4 non-polymer '(4-{[(1R,2R)-2-(carboxymethyl)cyclopentyl]methyl}phenyl)acetic acid'
5 water water
#
_entity_poly.entity_id   1
_entity_poly.type   'polypeptide(L)'
_entity_poly.pdbx_seq_one_letter_code
;HHHHHHGGTILVVTGTGTGVGKTVVCAALASAARQAGIDVAVCKPVQTGTARGDDDLAEVGRLAGVTQLAGLARYPQPMA
PAAAAEHAGMALPARDQIVRLIADLDRPGRLTLVEGAGGLLVELAEPGVTLRDVAVDVAAAALVVVTADLGTLNHTKLTL
EALAAQQVSCAGLVIGSWPDPPGLVAASNRSALARIAMVRAALPAGAASLDAGDFAAMSAAAFDRNWVAGLVG
;
_entity_poly.pdbx_strand_id   A,B,C,D
#
# COMPACT_ATOMS: atom_id res chain seq x y z
N GLY A 7 -18.00 -11.19 -9.53
CA GLY A 7 -17.10 -12.23 -9.99
C GLY A 7 -16.35 -12.89 -8.84
N GLY A 8 -15.21 -13.49 -9.14
CA GLY A 8 -14.35 -14.09 -8.13
C GLY A 8 -13.13 -13.23 -7.86
N THR A 9 -12.01 -13.87 -7.57
CA THR A 9 -10.74 -13.20 -7.39
C THR A 9 -9.87 -13.49 -8.61
N ILE A 10 -9.39 -12.43 -9.25
CA ILE A 10 -8.39 -12.51 -10.32
C ILE A 10 -7.07 -12.03 -9.74
N LEU A 11 -6.06 -12.89 -9.81
CA LEU A 11 -4.69 -12.55 -9.45
C LEU A 11 -3.84 -12.64 -10.69
N VAL A 12 -3.13 -11.58 -11.03
CA VAL A 12 -2.07 -11.76 -12.01
C VAL A 12 -0.83 -12.25 -11.28
N VAL A 13 -0.12 -13.16 -11.90
CA VAL A 13 1.13 -13.70 -11.37
C VAL A 13 2.23 -13.18 -12.29
N THR A 14 3.03 -12.29 -11.76
CA THR A 14 4.11 -11.66 -12.51
C THR A 14 5.42 -12.06 -11.84
N GLY A 15 6.52 -11.49 -12.33
CA GLY A 15 7.81 -11.75 -11.74
C GLY A 15 8.73 -10.57 -12.00
N THR A 16 9.85 -10.56 -11.28
CA THR A 16 10.86 -9.54 -11.49
C THR A 16 11.54 -9.68 -12.84
N GLY A 17 11.45 -10.84 -13.45
CA GLY A 17 12.06 -11.04 -14.75
C GLY A 17 11.64 -12.34 -15.37
N THR A 18 12.47 -12.81 -16.29
CA THR A 18 12.18 -14.05 -16.99
C THR A 18 12.85 -15.21 -16.29
N GLY A 19 12.19 -16.37 -16.27
CA GLY A 19 12.79 -17.55 -15.69
C GLY A 19 13.00 -17.45 -14.20
N VAL A 20 12.12 -16.74 -13.49
CA VAL A 20 12.24 -16.62 -12.04
C VAL A 20 11.33 -17.59 -11.30
N GLY A 21 10.52 -18.36 -12.00
CA GLY A 21 9.61 -19.29 -11.37
C GLY A 21 8.12 -18.94 -11.44
N LYS A 22 7.69 -18.03 -12.32
CA LYS A 22 6.27 -17.67 -12.40
C LYS A 22 5.39 -18.92 -12.59
N THR A 23 5.74 -19.77 -13.54
CA THR A 23 4.88 -20.91 -13.84
C THR A 23 4.76 -21.86 -12.65
N VAL A 24 5.90 -22.22 -12.04
CA VAL A 24 5.84 -23.14 -10.91
C VAL A 24 5.09 -22.50 -9.74
N VAL A 25 5.19 -21.16 -9.56
CA VAL A 25 4.46 -20.49 -8.50
C VAL A 25 2.97 -20.50 -8.80
N CYS A 26 2.61 -20.29 -10.06
N CYS A 26 2.60 -20.26 -10.06
CA CYS A 26 1.22 -20.38 -10.48
CA CYS A 26 1.21 -20.39 -10.46
C CYS A 26 0.65 -21.76 -10.15
C CYS A 26 0.67 -21.77 -10.10
N ALA A 27 1.38 -22.81 -10.49
CA ALA A 27 0.95 -24.17 -10.17
C ALA A 27 0.87 -24.38 -8.65
N ALA A 28 1.86 -23.88 -7.91
CA ALA A 28 1.89 -24.12 -6.47
C ALA A 28 0.73 -23.44 -5.77
N LEU A 29 0.41 -22.21 -6.17
CA LEU A 29 -0.74 -21.54 -5.58
C LEU A 29 -2.04 -22.18 -6.06
N ALA A 30 -2.11 -22.56 -7.33
CA ALA A 30 -3.30 -23.28 -7.81
C ALA A 30 -3.49 -24.56 -7.01
N SER A 31 -2.42 -25.33 -6.82
CA SER A 31 -2.54 -26.56 -6.04
C SER A 31 -3.06 -26.25 -4.64
N ALA A 32 -2.41 -25.29 -3.95
CA ALA A 32 -2.84 -24.94 -2.60
C ALA A 32 -4.31 -24.51 -2.56
N ALA A 33 -4.73 -23.67 -3.52
CA ALA A 33 -6.12 -23.23 -3.52
C ALA A 33 -7.08 -24.39 -3.78
N ARG A 34 -6.73 -25.28 -4.70
CA ARG A 34 -7.59 -26.43 -4.97
C ARG A 34 -7.71 -27.34 -3.76
N GLN A 35 -6.63 -27.48 -2.99
CA GLN A 35 -6.66 -28.32 -1.81
C GLN A 35 -7.54 -27.72 -0.72
N ALA A 36 -7.68 -26.40 -0.69
CA ALA A 36 -8.62 -25.75 0.21
C ALA A 36 -10.03 -25.67 -0.37
N GLY A 37 -10.33 -26.43 -1.44
CA GLY A 37 -11.66 -26.47 -2.02
C GLY A 37 -12.01 -25.33 -2.94
N ILE A 38 -11.06 -24.46 -3.27
CA ILE A 38 -11.31 -23.31 -4.14
C ILE A 38 -11.21 -23.74 -5.60
N ASP A 39 -12.19 -23.36 -6.40
CA ASP A 39 -12.13 -23.59 -7.84
C ASP A 39 -11.08 -22.67 -8.45
N VAL A 40 -10.22 -23.25 -9.30
CA VAL A 40 -9.06 -22.55 -9.85
C VAL A 40 -9.11 -22.62 -11.37
N ALA A 41 -8.94 -21.48 -12.01
CA ALA A 41 -8.67 -21.42 -13.43
C ALA A 41 -7.35 -20.70 -13.63
N VAL A 42 -6.57 -21.14 -14.61
CA VAL A 42 -5.31 -20.50 -14.93
C VAL A 42 -5.36 -20.11 -16.39
N CYS A 43 -4.80 -18.95 -16.68
N CYS A 43 -4.97 -18.88 -16.69
CA CYS A 43 -4.94 -18.27 -17.96
CA CYS A 43 -4.93 -18.46 -18.07
C CYS A 43 -3.57 -17.73 -18.38
C CYS A 43 -3.57 -17.83 -18.38
N LYS A 44 -3.17 -17.99 -19.63
CA LYS A 44 -1.88 -17.55 -20.14
C LYS A 44 -2.20 -16.73 -21.38
N PRO A 45 -2.34 -15.41 -21.23
CA PRO A 45 -2.77 -14.60 -22.39
C PRO A 45 -1.84 -14.73 -23.60
N VAL A 46 -0.52 -14.73 -23.37
CA VAL A 46 0.47 -14.82 -24.44
C VAL A 46 1.52 -15.85 -24.05
N GLN A 47 1.70 -16.87 -24.90
CA GLN A 47 2.72 -17.90 -24.72
C GLN A 47 3.67 -17.83 -25.90
N THR A 48 4.98 -17.73 -25.63
CA THR A 48 5.97 -17.85 -26.69
C THR A 48 6.76 -19.13 -26.46
N GLY A 49 7.76 -19.34 -27.32
CA GLY A 49 8.56 -20.54 -27.25
C GLY A 49 7.84 -21.84 -27.52
N THR A 50 6.68 -21.82 -28.18
CA THR A 50 6.03 -23.09 -28.48
C THR A 50 6.90 -23.98 -29.35
N ALA A 51 7.82 -23.39 -30.13
CA ALA A 51 8.69 -24.19 -30.99
C ALA A 51 9.72 -24.99 -30.23
N ARG A 52 9.91 -24.75 -28.93
CA ARG A 52 10.74 -25.65 -28.14
C ARG A 52 9.94 -26.38 -27.08
N GLY A 53 8.61 -26.36 -27.19
CA GLY A 53 7.77 -27.10 -26.27
C GLY A 53 7.31 -26.33 -25.05
N ASP A 54 7.59 -25.02 -24.96
CA ASP A 54 7.06 -24.22 -23.86
C ASP A 54 5.54 -24.25 -23.89
N ASP A 55 4.95 -24.64 -22.77
CA ASP A 55 3.49 -24.58 -22.64
C ASP A 55 3.21 -24.51 -21.14
N ASP A 56 3.08 -23.28 -20.64
CA ASP A 56 2.97 -23.10 -19.20
C ASP A 56 1.62 -23.58 -18.68
N LEU A 57 0.56 -23.46 -19.49
CA LEU A 57 -0.74 -24.00 -19.09
C LEU A 57 -0.63 -25.52 -18.91
N ALA A 58 0.00 -26.20 -19.85
CA ALA A 58 0.17 -27.65 -19.76
C ALA A 58 0.99 -28.05 -18.54
N GLU A 59 2.05 -27.27 -18.23
CA GLU A 59 2.84 -27.58 -17.04
C GLU A 59 2.05 -27.33 -15.76
N VAL A 60 1.26 -26.25 -15.73
CA VAL A 60 0.42 -26.00 -14.56
C VAL A 60 -0.59 -27.12 -14.39
N GLY A 61 -1.21 -27.55 -15.49
CA GLY A 61 -2.06 -28.72 -15.42
C GLY A 61 -1.32 -29.96 -14.92
N ARG A 62 -0.11 -30.20 -15.42
CA ARG A 62 0.69 -31.36 -14.97
C ARG A 62 0.96 -31.29 -13.48
N LEU A 63 1.41 -30.14 -12.98
CA LEU A 63 1.89 -30.05 -11.59
C LEU A 63 0.75 -29.98 -10.58
N ALA A 64 -0.28 -29.18 -10.86
CA ALA A 64 -1.31 -28.83 -9.89
C ALA A 64 -2.64 -29.51 -10.14
N GLY A 65 -2.81 -30.17 -11.30
CA GLY A 65 -4.08 -30.80 -11.63
C GLY A 65 -5.14 -29.86 -12.17
N VAL A 66 -4.82 -28.58 -12.41
CA VAL A 66 -5.79 -27.64 -12.93
C VAL A 66 -6.27 -28.11 -14.30
N THR A 67 -7.59 -28.12 -14.49
CA THR A 67 -8.21 -28.46 -15.77
C THR A 67 -8.75 -27.25 -16.52
N GLN A 68 -9.09 -26.18 -15.81
CA GLN A 68 -9.60 -24.97 -16.44
C GLN A 68 -8.39 -24.11 -16.82
N LEU A 69 -7.95 -24.28 -18.06
CA LEU A 69 -6.73 -23.67 -18.57
C LEU A 69 -7.10 -22.93 -19.84
N ALA A 70 -6.83 -21.63 -19.89
CA ALA A 70 -7.24 -20.83 -21.03
C ALA A 70 -6.03 -20.13 -21.62
N GLY A 71 -5.79 -20.37 -22.91
CA GLY A 71 -4.78 -19.64 -23.65
C GLY A 71 -5.44 -18.73 -24.67
N LEU A 72 -4.59 -18.05 -25.45
CA LEU A 72 -5.08 -17.11 -26.44
C LEU A 72 -4.06 -16.96 -27.57
N ALA A 73 -2.97 -16.26 -27.33
CA ALA A 73 -1.93 -16.11 -28.34
C ALA A 73 -0.77 -17.04 -28.04
N ARG A 74 -0.27 -17.71 -29.08
CA ARG A 74 0.88 -18.60 -29.02
C ARG A 74 1.82 -18.28 -30.17
N TYR A 75 3.14 -18.27 -29.88
CA TYR A 75 4.14 -17.92 -30.89
C TYR A 75 5.32 -18.87 -30.76
N PRO A 76 5.92 -19.28 -31.89
CA PRO A 76 6.98 -20.30 -31.85
C PRO A 76 8.25 -19.89 -31.12
N GLN A 77 8.80 -18.69 -31.39
CA GLN A 77 10.17 -18.44 -30.92
C GLN A 77 10.18 -18.14 -29.42
N PRO A 78 11.19 -18.61 -28.70
CA PRO A 78 11.30 -18.32 -27.25
C PRO A 78 11.90 -16.94 -27.00
N MET A 79 11.11 -15.92 -27.29
CA MET A 79 11.50 -14.52 -27.12
C MET A 79 10.32 -13.75 -26.57
N ALA A 80 10.51 -12.44 -26.45
CA ALA A 80 9.44 -11.57 -26.01
C ALA A 80 8.26 -11.71 -26.97
N PRO A 81 7.04 -11.52 -26.48
CA PRO A 81 5.86 -11.57 -27.38
C PRO A 81 5.98 -10.70 -28.62
N ALA A 82 6.42 -9.44 -28.50
CA ALA A 82 6.45 -8.58 -29.67
C ALA A 82 7.39 -9.14 -30.73
N ALA A 83 8.59 -9.56 -30.29
CA ALA A 83 9.57 -10.13 -31.21
C ALA A 83 9.13 -11.48 -31.75
N ALA A 84 8.52 -12.31 -30.90
CA ALA A 84 8.07 -13.62 -31.34
C ALA A 84 6.90 -13.51 -32.32
N ALA A 85 5.98 -12.56 -32.09
CA ALA A 85 4.91 -12.35 -33.05
C ALA A 85 5.46 -11.82 -34.38
N GLU A 86 6.42 -10.89 -34.31
CA GLU A 86 7.00 -10.32 -35.54
C GLU A 86 7.77 -11.37 -36.33
N HIS A 87 8.37 -12.32 -35.63
CA HIS A 87 9.16 -13.35 -36.31
C HIS A 87 8.27 -14.34 -37.04
N ALA A 88 7.08 -14.60 -36.50
CA ALA A 88 6.14 -15.55 -37.09
C ALA A 88 5.20 -14.90 -38.10
N GLY A 89 5.33 -13.60 -38.34
CA GLY A 89 4.40 -12.92 -39.22
C GLY A 89 3.02 -12.73 -38.63
N MET A 90 2.89 -12.79 -37.31
CA MET A 90 1.62 -12.66 -36.62
C MET A 90 1.58 -11.36 -35.82
N ALA A 91 0.40 -11.05 -35.30
CA ALA A 91 0.19 -9.84 -34.52
C ALA A 91 -0.09 -10.22 -33.06
N LEU A 92 0.28 -9.31 -32.17
CA LEU A 92 -0.11 -9.44 -30.77
C LEU A 92 -1.63 -9.32 -30.65
N PRO A 93 -2.22 -9.97 -29.66
CA PRO A 93 -3.64 -9.76 -29.40
C PRO A 93 -3.89 -8.31 -28.99
N ALA A 94 -5.14 -7.89 -29.07
CA ALA A 94 -5.47 -6.57 -28.56
C ALA A 94 -5.74 -6.65 -27.07
N ARG A 95 -5.67 -5.49 -26.42
CA ARG A 95 -5.99 -5.37 -25.00
C ARG A 95 -7.31 -6.04 -24.66
N ASP A 96 -8.38 -5.71 -25.41
CA ASP A 96 -9.70 -6.23 -25.06
C ASP A 96 -9.79 -7.75 -25.20
N GLN A 97 -8.95 -8.35 -26.05
CA GLN A 97 -8.96 -9.80 -26.19
C GLN A 97 -8.41 -10.49 -24.95
N ILE A 98 -7.34 -9.93 -24.38
CA ILE A 98 -6.84 -10.47 -23.12
C ILE A 98 -7.85 -10.27 -22.01
N VAL A 99 -8.47 -9.09 -21.95
CA VAL A 99 -9.47 -8.85 -20.91
C VAL A 99 -10.64 -9.81 -21.06
N ARG A 100 -11.09 -10.06 -22.29
CA ARG A 100 -12.20 -10.98 -22.50
C ARG A 100 -11.81 -12.39 -22.06
N LEU A 101 -10.60 -12.80 -22.42
CA LEU A 101 -10.11 -14.11 -22.02
C LEU A 101 -10.24 -14.30 -20.52
N ILE A 102 -9.83 -13.29 -19.74
CA ILE A 102 -9.86 -13.36 -18.29
C ILE A 102 -11.29 -13.22 -17.77
N ALA A 103 -12.04 -12.23 -18.28
CA ALA A 103 -13.40 -12.01 -17.81
C ALA A 103 -14.28 -13.24 -17.99
N ASP A 104 -14.08 -13.98 -19.08
CA ASP A 104 -14.88 -15.18 -19.28
C ASP A 104 -14.58 -16.24 -18.24
N LEU A 105 -13.40 -16.21 -17.63
CA LEU A 105 -13.09 -17.20 -16.60
C LEU A 105 -13.61 -16.79 -15.23
N ASP A 106 -13.71 -15.49 -14.98
CA ASP A 106 -14.03 -15.00 -13.64
C ASP A 106 -15.42 -15.46 -13.21
N ARG A 107 -15.52 -16.05 -12.02
CA ARG A 107 -16.82 -16.36 -11.45
C ARG A 107 -16.68 -16.45 -9.93
N PRO A 108 -17.76 -16.20 -9.19
CA PRO A 108 -17.64 -16.16 -7.72
C PRO A 108 -17.18 -17.51 -7.16
N GLY A 109 -16.33 -17.44 -6.13
CA GLY A 109 -15.71 -18.61 -5.54
C GLY A 109 -14.54 -19.16 -6.32
N ARG A 110 -14.17 -18.55 -7.44
CA ARG A 110 -13.08 -19.03 -8.27
C ARG A 110 -11.89 -18.08 -8.20
N LEU A 111 -10.72 -18.66 -8.01
CA LEU A 111 -9.45 -17.96 -8.12
C LEU A 111 -8.97 -18.12 -9.55
N THR A 112 -8.92 -17.01 -10.29
CA THR A 112 -8.40 -17.01 -11.66
C THR A 112 -7.00 -16.42 -11.61
N LEU A 113 -6.01 -17.22 -11.98
CA LEU A 113 -4.62 -16.78 -12.06
C LEU A 113 -4.27 -16.46 -13.50
N VAL A 114 -3.71 -15.27 -13.71
CA VAL A 114 -3.29 -14.78 -15.01
C VAL A 114 -1.77 -14.75 -15.01
N GLU A 115 -1.16 -15.65 -15.76
CA GLU A 115 0.31 -15.75 -15.77
C GLU A 115 0.86 -14.86 -16.87
N GLY A 116 1.75 -13.93 -16.49
CA GLY A 116 2.38 -13.07 -17.46
C GLY A 116 3.45 -13.80 -18.23
N ALA A 117 4.04 -13.09 -19.17
CA ALA A 117 5.21 -13.55 -19.92
C ALA A 117 6.36 -12.62 -19.56
N GLY A 118 7.45 -13.19 -19.04
CA GLY A 118 8.55 -12.37 -18.59
C GLY A 118 8.13 -11.49 -17.41
N GLY A 119 8.75 -10.32 -17.33
CA GLY A 119 8.48 -9.40 -16.24
C GLY A 119 7.24 -8.57 -16.47
N LEU A 120 7.02 -7.63 -15.54
CA LEU A 120 5.75 -6.92 -15.45
C LEU A 120 5.51 -6.00 -16.64
N LEU A 121 6.56 -5.33 -17.13
CA LEU A 121 6.38 -4.33 -18.17
C LEU A 121 6.57 -4.91 -19.56
N VAL A 122 6.56 -6.22 -19.70
CA VAL A 122 6.61 -6.84 -21.02
C VAL A 122 5.36 -6.48 -21.82
N GLU A 123 5.54 -6.13 -23.09
CA GLU A 123 4.39 -5.84 -23.95
C GLU A 123 3.65 -7.13 -24.31
N LEU A 124 2.36 -7.18 -23.96
CA LEU A 124 1.51 -8.30 -24.29
C LEU A 124 0.50 -7.99 -25.38
N ALA A 125 0.27 -6.71 -25.64
CA ALA A 125 -0.68 -6.27 -26.65
C ALA A 125 -0.23 -4.92 -27.16
N GLU A 126 -0.49 -4.67 -28.44
CA GLU A 126 -0.21 -3.36 -29.02
C GLU A 126 -1.21 -2.33 -28.48
N PRO A 127 -0.76 -1.09 -28.21
CA PRO A 127 0.63 -0.66 -28.25
C PRO A 127 1.22 -0.47 -26.86
N GLY A 128 2.17 -1.32 -26.49
CA GLY A 128 2.78 -1.18 -25.19
C GLY A 128 1.89 -1.58 -24.03
N VAL A 129 0.84 -2.36 -24.28
CA VAL A 129 -0.06 -2.81 -23.21
C VAL A 129 0.65 -3.93 -22.44
N THR A 130 0.68 -3.82 -21.12
CA THR A 130 1.40 -4.77 -20.29
C THR A 130 0.43 -5.49 -19.37
N LEU A 131 0.96 -6.51 -18.67
CA LEU A 131 0.19 -7.20 -17.64
C LEU A 131 -0.26 -6.21 -16.57
N ARG A 132 0.50 -5.14 -16.34
CA ARG A 132 0.06 -4.13 -15.38
C ARG A 132 -1.24 -3.48 -15.84
N ASP A 133 -1.33 -3.13 -17.11
CA ASP A 133 -2.56 -2.55 -17.64
C ASP A 133 -3.71 -3.52 -17.52
N VAL A 134 -3.49 -4.77 -17.94
CA VAL A 134 -4.49 -5.82 -17.79
C VAL A 134 -4.99 -5.88 -16.36
N ALA A 135 -4.07 -5.86 -15.40
CA ALA A 135 -4.45 -5.95 -13.99
C ALA A 135 -5.35 -4.77 -13.60
N VAL A 136 -5.03 -3.57 -14.09
CA VAL A 136 -5.94 -2.45 -13.87
C VAL A 136 -7.30 -2.73 -14.48
N ASP A 137 -7.32 -3.26 -15.71
CA ASP A 137 -8.56 -3.49 -16.44
C ASP A 137 -9.50 -4.46 -15.73
N VAL A 138 -8.96 -5.48 -15.07
CA VAL A 138 -9.79 -6.51 -14.47
C VAL A 138 -9.77 -6.43 -12.94
N ALA A 139 -9.26 -5.33 -12.39
CA ALA A 139 -9.24 -5.09 -10.95
C ALA A 139 -8.49 -6.21 -10.19
N ALA A 140 -7.39 -6.68 -10.77
CA ALA A 140 -6.62 -7.75 -10.17
C ALA A 140 -5.43 -7.18 -9.40
N ALA A 141 -5.14 -7.80 -8.26
CA ALA A 141 -3.86 -7.63 -7.60
C ALA A 141 -2.80 -8.48 -8.30
N ALA A 142 -1.54 -8.18 -7.99
CA ALA A 142 -0.41 -8.85 -8.61
C ALA A 142 0.41 -9.55 -7.55
N LEU A 143 0.61 -10.84 -7.73
CA LEU A 143 1.58 -11.62 -6.97
C LEU A 143 2.91 -11.59 -7.72
N VAL A 144 3.97 -11.17 -7.04
CA VAL A 144 5.27 -10.98 -7.70
C VAL A 144 6.18 -12.14 -7.34
N VAL A 145 6.60 -12.91 -8.32
CA VAL A 145 7.58 -13.96 -8.09
C VAL A 145 8.97 -13.33 -8.18
N VAL A 146 9.83 -13.66 -7.20
CA VAL A 146 11.17 -13.11 -7.11
C VAL A 146 12.15 -14.26 -6.91
N THR A 147 13.44 -13.99 -7.17
CA THR A 147 14.48 -14.94 -6.82
C THR A 147 15.09 -14.57 -5.47
N ALA A 148 15.98 -15.42 -4.97
CA ALA A 148 16.76 -15.10 -3.78
C ALA A 148 18.16 -14.60 -4.13
N ASP A 149 18.46 -14.46 -5.43
CA ASP A 149 19.81 -14.22 -5.91
C ASP A 149 20.23 -12.77 -5.74
N LEU A 150 21.54 -12.56 -5.78
CA LEU A 150 22.09 -11.23 -5.83
C LEU A 150 21.42 -10.44 -6.96
N GLY A 151 20.87 -9.28 -6.63
CA GLY A 151 20.16 -8.45 -7.59
C GLY A 151 18.65 -8.41 -7.39
N THR A 152 18.10 -9.34 -6.62
CA THR A 152 16.64 -9.46 -6.50
C THR A 152 16.02 -8.25 -5.80
N LEU A 153 16.75 -7.60 -4.89
CA LEU A 153 16.14 -6.52 -4.11
C LEU A 153 15.83 -5.33 -5.00
N ASN A 154 16.78 -4.93 -5.83
CA ASN A 154 16.54 -3.87 -6.80
C ASN A 154 15.39 -4.23 -7.74
N HIS A 155 15.43 -5.44 -8.32
CA HIS A 155 14.37 -5.83 -9.26
C HIS A 155 13.00 -5.91 -8.56
N THR A 156 12.97 -6.34 -7.30
CA THR A 156 11.70 -6.40 -6.58
C THR A 156 11.16 -5.01 -6.28
N LYS A 157 12.02 -4.12 -5.79
CA LYS A 157 11.59 -2.75 -5.52
C LYS A 157 11.19 -2.03 -6.80
N LEU A 158 11.90 -2.26 -7.91
CA LEU A 158 11.49 -1.69 -9.18
C LEU A 158 10.11 -2.20 -9.59
N THR A 159 9.87 -3.50 -9.41
CA THR A 159 8.61 -4.08 -9.84
C THR A 159 7.46 -3.54 -8.99
N LEU A 160 7.67 -3.48 -7.67
CA LEU A 160 6.61 -3.00 -6.78
C LEU A 160 6.33 -1.51 -7.01
N GLU A 161 7.37 -0.73 -7.29
N GLU A 161 7.38 -0.72 -7.26
CA GLU A 161 7.14 0.67 -7.59
CA GLU A 161 7.14 0.67 -7.61
C GLU A 161 6.33 0.83 -8.87
C GLU A 161 6.30 0.79 -8.87
N ALA A 162 6.57 -0.03 -9.86
CA ALA A 162 5.78 0.03 -11.09
C ALA A 162 4.34 -0.36 -10.81
N LEU A 163 4.11 -1.31 -9.91
CA LEU A 163 2.74 -1.69 -9.58
C LEU A 163 2.01 -0.53 -8.91
N ALA A 164 2.64 0.11 -7.92
CA ALA A 164 2.01 1.21 -7.21
C ALA A 164 1.76 2.40 -8.12
N ALA A 165 2.60 2.60 -9.14
CA ALA A 165 2.44 3.76 -10.01
C ALA A 165 1.10 3.75 -10.73
N GLN A 166 0.50 2.58 -10.94
CA GLN A 166 -0.83 2.49 -11.53
C GLN A 166 -1.87 1.96 -10.57
N GLN A 167 -1.56 1.97 -9.26
CA GLN A 167 -2.48 1.56 -8.21
C GLN A 167 -2.89 0.10 -8.38
N VAL A 168 -1.96 -0.75 -8.75
CA VAL A 168 -2.20 -2.20 -8.76
C VAL A 168 -1.70 -2.75 -7.43
N SER A 169 -2.63 -3.26 -6.64
CA SER A 169 -2.24 -3.78 -5.34
C SER A 169 -1.27 -4.93 -5.54
N CYS A 170 -0.28 -5.02 -4.66
CA CYS A 170 0.64 -6.13 -4.64
C CYS A 170 0.12 -7.18 -3.68
N ALA A 171 -0.22 -8.36 -4.21
CA ALA A 171 -0.70 -9.43 -3.35
C ALA A 171 0.41 -10.05 -2.52
N GLY A 172 1.66 -9.66 -2.73
CA GLY A 172 2.76 -10.26 -2.01
C GLY A 172 3.82 -10.80 -2.95
N LEU A 173 4.89 -11.28 -2.35
CA LEU A 173 5.98 -11.88 -3.09
C LEU A 173 5.95 -13.38 -2.88
N VAL A 174 6.49 -14.09 -3.86
CA VAL A 174 6.83 -15.50 -3.72
C VAL A 174 8.25 -15.66 -4.22
N ILE A 175 9.10 -16.26 -3.39
CA ILE A 175 10.43 -16.66 -3.83
C ILE A 175 10.28 -17.95 -4.62
N GLY A 176 10.66 -17.91 -5.90
CA GLY A 176 10.38 -19.03 -6.79
C GLY A 176 11.26 -20.24 -6.57
N SER A 177 12.46 -20.03 -6.02
CA SER A 177 13.37 -21.13 -5.69
C SER A 177 14.15 -20.73 -4.44
N TRP A 178 14.01 -21.53 -3.39
CA TRP A 178 14.69 -21.22 -2.12
C TRP A 178 15.74 -22.27 -1.88
N PRO A 179 17.02 -21.90 -1.84
CA PRO A 179 18.08 -22.90 -1.67
C PRO A 179 18.14 -23.43 -0.24
N ASP A 180 18.49 -24.69 -0.14
CA ASP A 180 18.63 -25.36 1.16
C ASP A 180 19.99 -26.04 1.20
N PRO A 181 20.92 -25.58 2.05
CA PRO A 181 20.76 -24.41 2.92
C PRO A 181 21.04 -23.07 2.21
N PRO A 182 20.52 -21.97 2.75
CA PRO A 182 20.79 -20.66 2.15
C PRO A 182 22.13 -20.09 2.58
N GLY A 183 22.86 -19.54 1.61
CA GLY A 183 24.06 -18.78 1.90
C GLY A 183 23.73 -17.40 2.45
N LEU A 184 24.79 -16.62 2.72
CA LEU A 184 24.59 -15.32 3.35
C LEU A 184 23.71 -14.42 2.50
N VAL A 185 23.96 -14.38 1.18
CA VAL A 185 23.22 -13.47 0.32
C VAL A 185 21.74 -13.86 0.29
N ALA A 186 21.46 -15.15 0.06
CA ALA A 186 20.07 -15.61 0.03
C ALA A 186 19.36 -15.26 1.33
N ALA A 187 20.02 -15.50 2.47
CA ALA A 187 19.40 -15.25 3.76
C ALA A 187 19.19 -13.75 3.97
N SER A 188 20.21 -12.94 3.65
CA SER A 188 20.05 -11.49 3.76
C SER A 188 18.92 -10.99 2.87
N ASN A 189 18.82 -11.53 1.66
CA ASN A 189 17.77 -11.10 0.73
C ASN A 189 16.38 -11.47 1.25
N ARG A 190 16.19 -12.70 1.72
CA ARG A 190 14.86 -13.06 2.24
C ARG A 190 14.42 -12.09 3.33
N SER A 191 15.32 -11.77 4.27
CA SER A 191 14.95 -10.84 5.33
C SER A 191 14.65 -9.45 4.78
N ALA A 192 15.40 -9.00 3.76
CA ALA A 192 15.14 -7.68 3.21
C ALA A 192 13.86 -7.68 2.39
N LEU A 193 13.59 -8.76 1.67
CA LEU A 193 12.36 -8.86 0.88
C LEU A 193 11.13 -8.78 1.77
N ALA A 194 11.18 -9.45 2.93
CA ALA A 194 10.05 -9.41 3.85
C ALA A 194 9.82 -8.02 4.45
N ARG A 195 10.83 -7.14 4.43
CA ARG A 195 10.60 -5.77 4.85
C ARG A 195 10.00 -4.90 3.76
N ILE A 196 10.11 -5.28 2.48
CA ILE A 196 9.46 -4.46 1.46
C ILE A 196 8.05 -4.94 1.13
N ALA A 197 7.73 -6.21 1.37
CA ALA A 197 6.38 -6.69 1.14
C ALA A 197 6.24 -8.07 1.75
N MET A 198 4.97 -8.49 1.90
CA MET A 198 4.66 -9.80 2.50
C MET A 198 5.18 -10.92 1.62
N VAL A 199 5.97 -11.82 2.19
CA VAL A 199 6.51 -12.96 1.45
C VAL A 199 5.54 -14.11 1.66
N ARG A 200 4.70 -14.40 0.64
CA ARG A 200 3.61 -15.36 0.82
C ARG A 200 4.11 -16.78 0.85
N ALA A 201 5.23 -17.06 0.19
CA ALA A 201 5.81 -18.39 0.18
C ALA A 201 7.22 -18.29 -0.36
N ALA A 202 7.97 -19.37 -0.17
CA ALA A 202 9.34 -19.51 -0.68
C ALA A 202 9.47 -20.95 -1.12
N LEU A 203 9.19 -21.21 -2.39
CA LEU A 203 9.15 -22.58 -2.87
C LEU A 203 10.52 -23.23 -2.74
N PRO A 204 10.61 -24.44 -2.20
CA PRO A 204 11.91 -25.11 -2.13
C PRO A 204 12.47 -25.34 -3.52
N ALA A 205 13.80 -25.20 -3.61
CA ALA A 205 14.49 -25.44 -4.86
C ALA A 205 14.17 -26.84 -5.38
N GLY A 206 14.05 -26.97 -6.70
CA GLY A 206 13.64 -28.21 -7.32
C GLY A 206 12.16 -28.50 -7.29
N ALA A 207 11.32 -27.54 -6.89
CA ALA A 207 9.89 -27.81 -6.78
C ALA A 207 9.29 -28.23 -8.12
N ALA A 208 9.77 -27.66 -9.23
CA ALA A 208 9.20 -27.95 -10.53
C ALA A 208 9.33 -29.42 -10.92
N SER A 209 10.21 -30.16 -10.25
CA SER A 209 10.46 -31.56 -10.56
C SER A 209 9.61 -32.52 -9.73
N LEU A 210 8.93 -32.04 -8.70
CA LEU A 210 8.16 -32.93 -7.85
C LEU A 210 6.98 -33.53 -8.62
N ASP A 211 6.69 -34.80 -8.36
CA ASP A 211 5.49 -35.41 -8.92
C ASP A 211 4.24 -34.81 -8.28
N ALA A 212 3.09 -35.21 -8.80
CA ALA A 212 1.83 -34.57 -8.42
C ALA A 212 1.62 -34.58 -6.91
N GLY A 213 1.79 -35.75 -6.29
CA GLY A 213 1.58 -35.85 -4.85
C GLY A 213 2.53 -34.98 -4.05
N ASP A 214 3.84 -35.09 -4.35
CA ASP A 214 4.82 -34.27 -3.65
C ASP A 214 4.59 -32.79 -3.92
N PHE A 215 4.29 -32.44 -5.17
CA PHE A 215 4.01 -31.05 -5.48
C PHE A 215 2.85 -30.52 -4.66
N ALA A 216 1.75 -31.29 -4.62
CA ALA A 216 0.59 -30.90 -3.83
C ALA A 216 0.93 -30.76 -2.36
N ALA A 217 1.79 -31.65 -1.84
CA ALA A 217 2.22 -31.53 -0.45
C ALA A 217 3.10 -30.31 -0.26
N MET A 218 4.07 -30.12 -1.14
CA MET A 218 4.89 -28.90 -1.11
C MET A 218 3.99 -27.66 -1.13
N SER A 219 3.04 -27.63 -2.06
CA SER A 219 2.18 -26.45 -2.21
C SER A 219 1.39 -26.16 -0.95
N ALA A 220 0.83 -27.21 -0.33
CA ALA A 220 0.04 -27.01 0.89
C ALA A 220 0.90 -26.49 2.03
N ALA A 221 2.18 -26.85 2.05
CA ALA A 221 3.08 -26.34 3.10
C ALA A 221 3.58 -24.94 2.81
N ALA A 222 3.68 -24.57 1.53
CA ALA A 222 4.42 -23.36 1.15
C ALA A 222 3.67 -22.10 1.53
N PHE A 223 2.34 -22.11 1.42
CA PHE A 223 1.52 -20.94 1.69
C PHE A 223 0.81 -21.05 3.02
N ASP A 224 0.48 -19.90 3.60
CA ASP A 224 -0.37 -19.86 4.79
C ASP A 224 -1.81 -20.17 4.39
N ARG A 225 -2.37 -21.23 4.97
CA ARG A 225 -3.72 -21.66 4.60
C ARG A 225 -4.73 -20.53 4.77
N ASN A 226 -4.53 -19.66 5.75
CA ASN A 226 -5.49 -18.58 5.96
C ASN A 226 -5.36 -17.50 4.90
N TRP A 227 -4.16 -17.24 4.38
CA TRP A 227 -4.04 -16.29 3.29
C TRP A 227 -4.65 -16.87 2.02
N VAL A 228 -4.32 -18.12 1.68
CA VAL A 228 -4.92 -18.77 0.51
C VAL A 228 -6.43 -18.76 0.62
N ALA A 229 -6.97 -19.28 1.73
CA ALA A 229 -8.41 -19.39 1.89
C ALA A 229 -9.09 -18.02 1.89
N GLY A 230 -8.37 -16.98 2.32
CA GLY A 230 -8.89 -15.64 2.26
C GLY A 230 -8.82 -14.98 0.92
N LEU A 231 -8.17 -15.62 -0.06
CA LEU A 231 -8.08 -15.02 -1.39
C LEU A 231 -9.44 -14.87 -2.03
N VAL A 232 -10.37 -15.78 -1.77
CA VAL A 232 -11.66 -15.76 -2.44
C VAL A 232 -12.71 -16.32 -1.50
N GLY A 233 -13.81 -15.59 -1.35
CA GLY A 233 -14.91 -16.02 -0.50
C GLY A 233 -16.03 -16.64 -1.31
N GLY B 7 28.58 24.88 -11.87
CA GLY B 7 29.41 23.69 -11.98
C GLY B 7 29.54 23.12 -13.39
N GLY B 8 29.73 21.81 -13.48
CA GLY B 8 29.85 21.14 -14.76
C GLY B 8 28.73 20.15 -14.98
N THR B 9 29.03 18.96 -15.50
CA THR B 9 28.02 17.95 -15.79
C THR B 9 28.22 16.76 -14.87
N ILE B 10 27.24 16.49 -14.00
CA ILE B 10 27.21 15.27 -13.20
C ILE B 10 26.30 14.26 -13.89
N LEU B 11 26.81 13.07 -14.13
CA LEU B 11 26.04 11.96 -14.68
C LEU B 11 26.16 10.79 -13.72
N VAL B 12 25.04 10.23 -13.29
CA VAL B 12 25.11 8.97 -12.57
C VAL B 12 25.10 7.86 -13.62
N VAL B 13 25.93 6.84 -13.39
CA VAL B 13 25.99 5.69 -14.27
C VAL B 13 25.38 4.53 -13.50
N THR B 14 24.13 4.22 -13.79
CA THR B 14 23.45 3.12 -13.12
C THR B 14 23.32 1.95 -14.10
N GLY B 15 22.58 0.93 -13.69
CA GLY B 15 22.37 -0.24 -14.53
C GLY B 15 21.04 -0.87 -14.19
N THR B 16 20.55 -1.71 -15.11
CA THR B 16 19.34 -2.45 -14.80
C THR B 16 19.56 -3.46 -13.66
N GLY B 17 20.80 -3.79 -13.34
CA GLY B 17 21.03 -4.80 -12.32
C GLY B 17 22.49 -4.83 -11.90
N THR B 18 22.88 -5.96 -11.33
CA THR B 18 24.25 -6.15 -10.91
C THR B 18 25.02 -6.94 -11.97
N GLY B 19 26.30 -6.59 -12.13
CA GLY B 19 27.09 -7.31 -13.13
C GLY B 19 26.58 -7.13 -14.54
N VAL B 20 26.12 -5.94 -14.88
CA VAL B 20 25.68 -5.69 -16.25
C VAL B 20 26.70 -4.87 -17.02
N GLY B 21 27.83 -4.53 -16.41
CA GLY B 21 28.82 -3.72 -17.05
C GLY B 21 28.88 -2.26 -16.64
N LYS B 22 28.31 -1.89 -15.49
CA LYS B 22 28.32 -0.49 -15.07
C LYS B 22 29.72 0.08 -15.07
N THR B 23 30.66 -0.63 -14.45
CA THR B 23 32.01 -0.09 -14.27
C THR B 23 32.73 0.06 -15.61
N VAL B 24 32.66 -0.95 -16.46
CA VAL B 24 33.34 -0.85 -17.74
C VAL B 24 32.73 0.28 -18.59
N VAL B 25 31.44 0.56 -18.42
CA VAL B 25 30.82 1.63 -19.19
C VAL B 25 31.28 2.99 -18.68
N CYS B 26 31.32 3.13 -17.36
CA CYS B 26 31.88 4.31 -16.72
C CYS B 26 33.29 4.59 -17.23
N ALA B 27 34.13 3.55 -17.29
CA ALA B 27 35.46 3.69 -17.85
C ALA B 27 35.42 4.04 -19.34
N ALA B 28 34.52 3.41 -20.10
CA ALA B 28 34.44 3.70 -21.53
C ALA B 28 34.01 5.15 -21.76
N LEU B 29 32.96 5.61 -21.06
CA LEU B 29 32.56 7.00 -21.22
C LEU B 29 33.67 7.93 -20.77
N ALA B 30 34.26 7.65 -19.60
CA ALA B 30 35.39 8.43 -19.11
C ALA B 30 36.47 8.56 -20.18
N SER B 31 36.89 7.42 -20.73
CA SER B 31 37.94 7.41 -21.75
C SER B 31 37.53 8.21 -22.97
N ALA B 32 36.30 8.02 -23.46
CA ALA B 32 35.86 8.76 -24.64
C ALA B 32 35.78 10.25 -24.34
N ALA B 33 35.33 10.62 -23.13
CA ALA B 33 35.24 12.03 -22.78
C ALA B 33 36.62 12.65 -22.61
N ARG B 34 37.57 11.93 -22.00
CA ARG B 34 38.93 12.45 -21.90
C ARG B 34 39.53 12.67 -23.27
N GLN B 35 39.29 11.75 -24.20
CA GLN B 35 39.80 11.90 -25.56
C GLN B 35 39.11 13.05 -26.28
N ALA B 36 37.98 13.53 -25.79
CA ALA B 36 37.35 14.73 -26.30
C ALA B 36 37.89 16.00 -25.64
N GLY B 37 38.88 15.87 -24.77
CA GLY B 37 39.39 17.02 -24.05
C GLY B 37 38.62 17.38 -22.81
N ILE B 38 37.62 16.59 -22.45
CA ILE B 38 36.87 16.82 -21.24
C ILE B 38 37.65 16.32 -20.05
N ASP B 39 37.64 17.07 -18.96
CA ASP B 39 38.17 16.62 -17.69
C ASP B 39 37.14 15.71 -17.02
N VAL B 40 37.56 14.54 -16.54
CA VAL B 40 36.63 13.55 -16.02
C VAL B 40 37.02 13.17 -14.59
N ALA B 41 36.02 13.12 -13.71
CA ALA B 41 36.17 12.52 -12.40
C ALA B 41 35.13 11.43 -12.22
N VAL B 42 35.44 10.45 -11.39
CA VAL B 42 34.51 9.39 -11.10
C VAL B 42 34.40 9.28 -9.58
N CYS B 43 33.17 9.27 -9.08
CA CYS B 43 32.90 9.07 -7.67
C CYS B 43 32.19 7.72 -7.51
N LYS B 44 32.78 6.83 -6.71
CA LYS B 44 32.15 5.58 -6.32
C LYS B 44 32.08 5.61 -4.79
N PRO B 45 30.99 6.13 -4.22
CA PRO B 45 30.98 6.36 -2.76
C PRO B 45 31.19 5.08 -1.98
N VAL B 46 30.56 3.98 -2.41
CA VAL B 46 30.55 2.72 -1.68
C VAL B 46 31.06 1.64 -2.61
N GLN B 47 32.07 0.91 -2.15
CA GLN B 47 32.61 -0.28 -2.82
C GLN B 47 32.42 -1.45 -1.87
N THR B 48 31.83 -2.54 -2.36
CA THR B 48 31.85 -3.80 -1.61
C THR B 48 32.74 -4.79 -2.35
N GLY B 49 32.85 -6.00 -1.80
CA GLY B 49 33.67 -7.00 -2.42
C GLY B 49 35.16 -6.77 -2.37
N THR B 50 35.66 -6.01 -1.41
CA THR B 50 37.09 -5.74 -1.42
C THR B 50 37.91 -6.96 -1.02
N ALA B 51 37.33 -7.89 -0.27
CA ALA B 51 38.06 -9.09 0.12
C ALA B 51 38.58 -9.84 -1.11
N ARG B 52 37.78 -9.92 -2.16
CA ARG B 52 38.18 -10.65 -3.37
C ARG B 52 38.85 -9.77 -4.39
N GLY B 53 39.08 -8.49 -4.08
CA GLY B 53 39.85 -7.62 -4.94
C GLY B 53 39.05 -6.55 -5.67
N ASP B 54 37.74 -6.45 -5.43
CA ASP B 54 36.92 -5.54 -6.21
C ASP B 54 37.35 -4.09 -5.95
N ASP B 55 37.58 -3.34 -7.02
CA ASP B 55 37.97 -1.94 -6.89
C ASP B 55 37.58 -1.28 -8.22
N ASP B 56 36.34 -0.81 -8.30
CA ASP B 56 35.87 -0.26 -9.56
C ASP B 56 36.57 1.05 -9.90
N LEU B 57 36.91 1.87 -8.89
CA LEU B 57 37.69 3.07 -9.13
C LEU B 57 39.02 2.74 -9.82
N ALA B 58 39.72 1.69 -9.35
CA ALA B 58 40.98 1.33 -9.99
C ALA B 58 40.77 0.82 -11.41
N GLU B 59 39.64 0.16 -11.66
CA GLU B 59 39.29 -0.24 -13.03
C GLU B 59 39.20 0.95 -13.95
N VAL B 60 38.44 1.98 -13.56
CA VAL B 60 38.37 3.22 -14.34
C VAL B 60 39.75 3.87 -14.42
N GLY B 61 40.47 3.91 -13.31
CA GLY B 61 41.81 4.47 -13.32
C GLY B 61 42.71 3.84 -14.37
N ARG B 62 42.68 2.52 -14.48
CA ARG B 62 43.58 1.82 -15.40
C ARG B 62 43.05 1.78 -16.81
N LEU B 63 41.73 1.59 -16.98
CA LEU B 63 41.14 1.49 -18.30
C LEU B 63 41.11 2.84 -19.01
N ALA B 64 40.82 3.91 -18.26
CA ALA B 64 40.56 5.22 -18.83
C ALA B 64 41.59 6.27 -18.47
N GLY B 65 42.45 6.04 -17.46
CA GLY B 65 43.45 7.01 -17.06
C GLY B 65 42.96 8.10 -16.12
N VAL B 66 41.68 8.08 -15.73
CA VAL B 66 41.15 9.04 -14.77
C VAL B 66 42.00 9.04 -13.49
N THR B 67 42.23 10.24 -12.93
CA THR B 67 42.94 10.32 -11.66
C THR B 67 42.07 10.83 -10.52
N GLN B 68 41.06 11.64 -10.82
CA GLN B 68 40.12 12.12 -9.82
C GLN B 68 39.09 11.01 -9.58
N LEU B 69 39.37 10.20 -8.56
CA LEU B 69 38.64 8.97 -8.27
C LEU B 69 38.30 9.03 -6.79
N ALA B 70 37.03 9.24 -6.48
CA ALA B 70 36.58 9.60 -5.13
C ALA B 70 35.74 8.48 -4.54
N GLY B 71 36.13 8.02 -3.35
CA GLY B 71 35.37 7.00 -2.66
C GLY B 71 35.28 7.33 -1.19
N LEU B 72 34.29 6.74 -0.55
CA LEU B 72 34.08 6.96 0.88
C LEU B 72 34.20 5.73 1.75
N ALA B 73 33.85 4.55 1.22
CA ALA B 73 33.71 3.39 2.08
C ALA B 73 34.04 2.14 1.29
N ARG B 74 34.67 1.18 1.97
CA ARG B 74 35.03 -0.08 1.34
C ARG B 74 34.68 -1.21 2.30
N TYR B 75 33.92 -2.18 1.79
CA TYR B 75 33.46 -3.29 2.60
C TYR B 75 33.97 -4.60 2.02
N PRO B 76 34.49 -5.51 2.85
CA PRO B 76 35.09 -6.74 2.29
C PRO B 76 34.09 -7.68 1.62
N GLN B 77 32.85 -7.73 2.06
CA GLN B 77 31.96 -8.79 1.61
C GLN B 77 31.37 -8.46 0.23
N PRO B 78 31.30 -9.44 -0.66
CA PRO B 78 30.74 -9.22 -2.00
C PRO B 78 29.21 -9.22 -1.99
N MET B 79 28.64 -8.26 -1.26
CA MET B 79 27.20 -8.19 -1.06
C MET B 79 26.73 -6.77 -1.34
N ALA B 80 25.43 -6.59 -1.25
CA ALA B 80 24.81 -5.27 -1.24
C ALA B 80 25.46 -4.38 -0.19
N PRO B 81 25.60 -3.07 -0.45
CA PRO B 81 26.15 -2.19 0.60
C PRO B 81 25.51 -2.37 1.98
N ALA B 82 24.18 -2.46 2.05
CA ALA B 82 23.54 -2.64 3.35
C ALA B 82 23.93 -3.96 4.00
N ALA B 83 23.90 -5.05 3.22
CA ALA B 83 24.30 -6.35 3.76
C ALA B 83 25.78 -6.39 4.10
N ALA B 84 26.63 -5.84 3.22
CA ALA B 84 28.07 -5.78 3.50
C ALA B 84 28.35 -5.01 4.78
N ALA B 85 27.67 -3.88 4.97
CA ALA B 85 27.92 -3.05 6.14
C ALA B 85 27.40 -3.71 7.41
N GLU B 86 26.22 -4.33 7.31
CA GLU B 86 25.69 -5.14 8.41
C GLU B 86 26.68 -6.23 8.83
N HIS B 87 27.24 -6.95 7.86
CA HIS B 87 28.19 -8.00 8.17
C HIS B 87 29.44 -7.44 8.84
N ALA B 88 29.89 -6.26 8.42
CA ALA B 88 31.08 -5.64 9.00
C ALA B 88 30.81 -4.99 10.34
N GLY B 89 29.54 -4.83 10.71
CA GLY B 89 29.19 -4.11 11.92
C GLY B 89 29.49 -2.64 11.86
N MET B 90 29.46 -2.05 10.67
CA MET B 90 29.73 -0.61 10.53
C MET B 90 28.75 -0.01 9.55
N ALA B 91 28.21 1.15 9.89
CA ALA B 91 27.16 1.76 9.10
C ALA B 91 27.68 2.19 7.72
N LEU B 92 26.76 2.24 6.77
CA LEU B 92 27.03 2.87 5.49
C LEU B 92 27.35 4.34 5.72
N PRO B 93 27.96 5.01 4.74
CA PRO B 93 28.13 6.47 4.85
C PRO B 93 26.77 7.17 4.90
N ALA B 94 26.80 8.44 5.23
CA ALA B 94 25.60 9.25 5.35
C ALA B 94 25.28 9.89 4.00
N ARG B 95 23.99 10.19 3.80
CA ARG B 95 23.55 10.84 2.57
C ARG B 95 24.35 12.11 2.29
N ASP B 96 24.58 12.91 3.33
CA ASP B 96 25.27 14.18 3.16
C ASP B 96 26.70 13.98 2.65
N GLN B 97 27.39 12.95 3.15
CA GLN B 97 28.75 12.69 2.68
C GLN B 97 28.77 12.43 1.19
N ILE B 98 27.87 11.57 0.72
CA ILE B 98 27.84 11.24 -0.70
C ILE B 98 27.55 12.47 -1.53
N VAL B 99 26.43 13.14 -1.22
CA VAL B 99 25.99 14.29 -2.01
C VAL B 99 27.03 15.38 -2.01
N ARG B 100 27.62 15.66 -0.83
CA ARG B 100 28.59 16.75 -0.76
C ARG B 100 29.90 16.39 -1.45
N LEU B 101 30.33 15.12 -1.35
CA LEU B 101 31.52 14.68 -2.07
C LEU B 101 31.34 14.90 -3.57
N ILE B 102 30.20 14.48 -4.10
CA ILE B 102 29.93 14.66 -5.53
C ILE B 102 29.90 16.14 -5.90
N ALA B 103 29.19 16.94 -5.10
CA ALA B 103 29.13 18.38 -5.37
C ALA B 103 30.52 19.01 -5.30
N ASP B 104 31.35 18.58 -4.34
CA ASP B 104 32.71 19.11 -4.25
C ASP B 104 33.56 18.66 -5.43
N LEU B 105 33.32 17.44 -5.95
CA LEU B 105 34.00 16.96 -7.14
C LEU B 105 33.61 17.78 -8.37
N ASP B 106 32.32 18.11 -8.49
CA ASP B 106 31.80 18.74 -9.70
C ASP B 106 32.39 20.14 -9.88
N ARG B 107 32.85 20.44 -11.08
CA ARG B 107 33.40 21.76 -11.37
C ARG B 107 33.14 22.08 -12.84
N PRO B 108 33.19 23.37 -13.21
CA PRO B 108 33.02 23.73 -14.62
C PRO B 108 34.03 23.01 -15.52
N GLY B 109 33.55 22.62 -16.70
CA GLY B 109 34.39 21.93 -17.66
C GLY B 109 34.56 20.44 -17.43
N ARG B 110 34.04 19.93 -16.32
CA ARG B 110 34.32 18.56 -15.89
C ARG B 110 33.08 17.69 -16.04
N LEU B 111 33.29 16.49 -16.55
CA LEU B 111 32.28 15.44 -16.51
C LEU B 111 32.55 14.57 -15.29
N THR B 112 31.62 14.59 -14.35
CA THR B 112 31.72 13.79 -13.13
C THR B 112 30.73 12.63 -13.24
N LEU B 113 31.26 11.42 -13.28
CA LEU B 113 30.43 10.21 -13.31
C LEU B 113 30.32 9.66 -11.89
N VAL B 114 29.10 9.25 -11.54
CA VAL B 114 28.80 8.69 -10.22
C VAL B 114 28.38 7.24 -10.39
N GLU B 115 29.11 6.33 -9.76
CA GLU B 115 28.78 4.92 -9.77
C GLU B 115 28.22 4.54 -8.40
N GLY B 116 27.05 3.94 -8.39
CA GLY B 116 26.51 3.39 -7.17
C GLY B 116 26.98 1.96 -7.03
N ALA B 117 26.04 1.05 -6.80
CA ALA B 117 26.34 -0.37 -6.67
C ALA B 117 25.09 -1.12 -7.07
N GLY B 118 25.26 -2.16 -7.88
CA GLY B 118 24.10 -2.88 -8.37
C GLY B 118 23.13 -1.95 -9.08
N GLY B 119 21.84 -2.24 -8.93
CA GLY B 119 20.78 -1.54 -9.65
C GLY B 119 20.45 -0.18 -9.05
N LEU B 120 19.40 0.43 -9.60
CA LEU B 120 19.11 1.83 -9.33
C LEU B 120 18.59 2.04 -7.92
N LEU B 121 17.74 1.13 -7.41
CA LEU B 121 17.12 1.30 -6.11
C LEU B 121 17.90 0.59 -4.99
N VAL B 122 19.18 0.34 -5.19
CA VAL B 122 20.02 -0.23 -4.15
C VAL B 122 20.29 0.82 -3.07
N GLU B 123 20.16 0.42 -1.81
CA GLU B 123 20.52 1.29 -0.68
C GLU B 123 22.03 1.55 -0.67
N LEU B 124 22.41 2.82 -0.81
CA LEU B 124 23.80 3.24 -0.77
C LEU B 124 24.19 3.96 0.51
N ALA B 125 23.26 4.69 1.14
CA ALA B 125 23.54 5.40 2.38
C ALA B 125 22.36 5.23 3.33
N GLU B 126 22.58 5.60 4.59
CA GLU B 126 21.53 5.54 5.60
C GLU B 126 20.55 6.68 5.42
N PRO B 127 19.23 6.43 5.57
CA PRO B 127 18.53 5.16 5.71
C PRO B 127 17.70 4.83 4.46
N GLY B 128 18.20 3.90 3.64
CA GLY B 128 17.51 3.59 2.41
C GLY B 128 17.66 4.65 1.33
N VAL B 129 18.75 5.40 1.35
CA VAL B 129 19.05 6.39 0.32
C VAL B 129 19.65 5.68 -0.88
N THR B 130 19.20 6.03 -2.08
CA THR B 130 19.66 5.33 -3.26
C THR B 130 20.37 6.29 -4.18
N LEU B 131 20.95 5.69 -5.23
CA LEU B 131 21.57 6.50 -6.28
C LEU B 131 20.56 7.42 -6.94
N ARG B 132 19.27 7.03 -6.93
CA ARG B 132 18.22 7.90 -7.46
C ARG B 132 18.05 9.14 -6.57
N ASP B 133 17.95 8.93 -5.26
CA ASP B 133 17.90 10.07 -4.34
C ASP B 133 19.11 10.97 -4.52
N VAL B 134 20.30 10.36 -4.63
CA VAL B 134 21.52 11.14 -4.78
C VAL B 134 21.48 11.93 -6.08
N ALA B 135 21.00 11.31 -7.17
CA ALA B 135 20.92 12.01 -8.46
C ALA B 135 19.97 13.18 -8.40
N VAL B 136 18.85 13.01 -7.70
CA VAL B 136 17.94 14.14 -7.47
C VAL B 136 18.67 15.26 -6.72
N ASP B 137 19.39 14.89 -5.66
CA ASP B 137 20.02 15.89 -4.82
C ASP B 137 21.09 16.69 -5.56
N VAL B 138 21.83 16.05 -6.46
CA VAL B 138 22.89 16.75 -7.19
C VAL B 138 22.45 17.17 -8.59
N ALA B 139 21.16 17.04 -8.90
CA ALA B 139 20.59 17.37 -10.22
C ALA B 139 21.36 16.68 -11.35
N ALA B 140 21.66 15.40 -11.15
CA ALA B 140 22.30 14.61 -12.20
C ALA B 140 21.28 13.89 -13.06
N ALA B 141 21.63 13.73 -14.33
CA ALA B 141 20.93 12.80 -15.22
C ALA B 141 21.50 11.38 -15.02
N ALA B 142 20.80 10.38 -15.54
CA ALA B 142 21.20 8.99 -15.35
C ALA B 142 21.48 8.34 -16.69
N LEU B 143 22.68 7.78 -16.83
CA LEU B 143 23.02 6.86 -17.90
C LEU B 143 22.73 5.46 -17.40
N VAL B 144 22.00 4.66 -18.19
CA VAL B 144 21.50 3.37 -17.71
C VAL B 144 22.19 2.26 -18.50
N VAL B 145 22.96 1.43 -17.82
CA VAL B 145 23.67 0.34 -18.48
C VAL B 145 22.74 -0.86 -18.52
N VAL B 146 22.60 -1.48 -19.69
CA VAL B 146 21.69 -2.60 -19.89
C VAL B 146 22.44 -3.75 -20.55
N THR B 147 21.90 -4.97 -20.39
CA THR B 147 22.43 -6.12 -21.10
C THR B 147 21.69 -6.29 -22.42
N ALA B 148 22.21 -7.18 -23.26
CA ALA B 148 21.57 -7.55 -24.51
C ALA B 148 20.72 -8.79 -24.39
N ASP B 149 20.61 -9.36 -23.19
CA ASP B 149 20.04 -10.69 -23.01
C ASP B 149 18.54 -10.65 -22.76
N LEU B 150 17.94 -11.83 -22.92
CA LEU B 150 16.53 -12.02 -22.64
C LEU B 150 16.17 -11.44 -21.29
N GLY B 151 15.13 -10.60 -21.26
CA GLY B 151 14.73 -9.94 -20.04
C GLY B 151 15.23 -8.52 -19.87
N THR B 152 16.13 -8.06 -20.75
CA THR B 152 16.66 -6.70 -20.58
C THR B 152 15.59 -5.63 -20.85
N LEU B 153 14.58 -5.95 -21.65
CA LEU B 153 13.58 -4.93 -21.96
C LEU B 153 12.73 -4.60 -20.74
N ASN B 154 12.25 -5.63 -20.04
CA ASN B 154 11.49 -5.37 -18.84
C ASN B 154 12.31 -4.60 -17.80
N HIS B 155 13.56 -5.02 -17.60
CA HIS B 155 14.40 -4.37 -16.59
C HIS B 155 14.72 -2.94 -16.97
N THR B 156 14.88 -2.68 -18.26
CA THR B 156 15.15 -1.31 -18.70
C THR B 156 13.94 -0.43 -18.51
N LYS B 157 12.79 -0.89 -18.98
CA LYS B 157 11.55 -0.13 -18.81
C LYS B 157 11.28 0.13 -17.34
N LEU B 158 11.56 -0.85 -16.48
CA LEU B 158 11.36 -0.66 -15.04
C LEU B 158 12.27 0.43 -14.49
N THR B 159 13.53 0.41 -14.91
CA THR B 159 14.51 1.39 -14.42
C THR B 159 14.21 2.78 -14.94
N LEU B 160 13.78 2.89 -16.21
CA LEU B 160 13.46 4.21 -16.76
C LEU B 160 12.20 4.79 -16.12
N GLU B 161 11.21 3.94 -15.79
CA GLU B 161 10.06 4.43 -15.04
C GLU B 161 10.49 4.97 -13.69
N ALA B 162 11.33 4.22 -12.99
CA ALA B 162 11.77 4.67 -11.67
C ALA B 162 12.54 5.98 -11.76
N LEU B 163 13.33 6.15 -12.82
CA LEU B 163 14.03 7.43 -12.99
C LEU B 163 13.02 8.56 -13.18
N ALA B 164 12.10 8.39 -14.12
CA ALA B 164 11.15 9.47 -14.42
C ALA B 164 10.23 9.72 -13.25
N ALA B 165 9.90 8.69 -12.47
CA ALA B 165 9.07 8.91 -11.29
C ALA B 165 9.71 9.86 -10.30
N GLN B 166 11.00 10.17 -10.44
CA GLN B 166 11.64 11.18 -9.60
C GLN B 166 12.27 12.28 -10.43
N GLN B 167 11.85 12.43 -11.69
CA GLN B 167 12.32 13.52 -12.55
C GLN B 167 13.82 13.47 -12.75
N VAL B 168 14.41 12.28 -12.67
CA VAL B 168 15.81 12.09 -13.00
C VAL B 168 15.88 11.82 -14.50
N SER B 169 16.44 12.76 -15.25
CA SER B 169 16.50 12.62 -16.70
C SER B 169 17.36 11.44 -17.10
N CYS B 170 16.94 10.77 -18.17
CA CYS B 170 17.68 9.63 -18.70
C CYS B 170 18.59 10.13 -19.81
N ALA B 171 19.90 9.98 -19.61
CA ALA B 171 20.87 10.41 -20.61
C ALA B 171 21.04 9.42 -21.73
N GLY B 172 20.43 8.24 -21.63
CA GLY B 172 20.52 7.21 -22.63
C GLY B 172 20.84 5.87 -22.00
N LEU B 173 20.99 4.86 -22.88
CA LEU B 173 21.35 3.51 -22.50
C LEU B 173 22.71 3.17 -23.07
N VAL B 174 23.42 2.27 -22.39
CA VAL B 174 24.58 1.61 -22.94
C VAL B 174 24.41 0.12 -22.74
N ILE B 175 24.61 -0.65 -23.80
CA ILE B 175 24.65 -2.10 -23.67
C ILE B 175 26.04 -2.45 -23.15
N GLY B 176 26.09 -3.02 -21.94
CA GLY B 176 27.37 -3.24 -21.29
C GLY B 176 28.25 -4.25 -21.99
N SER B 177 27.66 -5.18 -22.74
CA SER B 177 28.41 -6.22 -23.41
C SER B 177 27.64 -6.66 -24.65
N TRP B 178 28.23 -6.45 -25.81
CA TRP B 178 27.58 -6.76 -27.07
C TRP B 178 28.22 -8.00 -27.65
N PRO B 179 27.46 -9.07 -27.88
CA PRO B 179 28.09 -10.36 -28.25
C PRO B 179 28.51 -10.39 -29.71
N ASP B 180 29.43 -11.32 -29.99
CA ASP B 180 29.92 -11.57 -31.34
C ASP B 180 29.75 -13.05 -31.67
N PRO B 181 28.93 -13.40 -32.68
CA PRO B 181 28.05 -12.47 -33.38
C PRO B 181 26.75 -12.33 -32.59
N PRO B 182 25.96 -11.29 -32.87
CA PRO B 182 24.82 -10.98 -32.00
C PRO B 182 23.92 -12.17 -31.68
N GLY B 183 23.16 -12.62 -32.65
CA GLY B 183 22.13 -13.59 -32.34
C GLY B 183 20.75 -12.95 -32.35
N LEU B 184 19.74 -13.81 -32.42
CA LEU B 184 18.38 -13.34 -32.66
C LEU B 184 17.87 -12.51 -31.48
N VAL B 185 18.02 -13.00 -30.26
CA VAL B 185 17.51 -12.23 -29.12
C VAL B 185 18.28 -10.92 -28.97
N ALA B 186 19.62 -10.99 -28.96
CA ALA B 186 20.44 -9.78 -28.86
C ALA B 186 20.10 -8.77 -29.96
N ALA B 187 20.01 -9.23 -31.20
CA ALA B 187 19.69 -8.32 -32.30
C ALA B 187 18.31 -7.71 -32.12
N SER B 188 17.31 -8.54 -31.79
CA SER B 188 15.97 -8.02 -31.53
C SER B 188 15.98 -7.05 -30.35
N ASN B 189 16.66 -7.42 -29.26
CA ASN B 189 16.71 -6.55 -28.10
C ASN B 189 17.33 -5.20 -28.42
N ARG B 190 18.41 -5.18 -29.21
CA ARG B 190 19.04 -3.91 -29.49
C ARG B 190 18.10 -2.97 -30.22
N SER B 191 17.31 -3.50 -31.15
CA SER B 191 16.33 -2.66 -31.83
C SER B 191 15.24 -2.21 -30.87
N ALA B 192 14.75 -3.12 -30.03
CA ALA B 192 13.70 -2.76 -29.09
C ALA B 192 14.20 -1.74 -28.07
N LEU B 193 15.45 -1.90 -27.60
CA LEU B 193 16.01 -0.92 -26.66
C LEU B 193 16.08 0.47 -27.28
N ALA B 194 16.48 0.55 -28.55
CA ALA B 194 16.54 1.85 -29.20
C ALA B 194 15.18 2.53 -29.26
N ARG B 195 14.09 1.76 -29.31
CA ARG B 195 12.77 2.38 -29.30
C ARG B 195 12.35 2.80 -27.91
N ILE B 196 13.05 2.34 -26.87
CA ILE B 196 12.80 2.77 -25.50
C ILE B 196 13.58 4.04 -25.18
N ALA B 197 14.85 4.13 -25.59
CA ALA B 197 15.67 5.30 -25.29
C ALA B 197 16.86 5.31 -26.24
N MET B 198 17.62 6.41 -26.23
CA MET B 198 18.83 6.47 -27.04
C MET B 198 19.86 5.46 -26.55
N VAL B 199 20.30 4.60 -27.45
CA VAL B 199 21.39 3.65 -27.17
C VAL B 199 22.67 4.39 -27.53
N ARG B 200 23.39 4.85 -26.51
CA ARG B 200 24.58 5.69 -26.71
C ARG B 200 25.79 4.87 -27.16
N ALA B 201 25.83 3.59 -26.84
CA ALA B 201 26.93 2.71 -27.20
C ALA B 201 26.54 1.27 -26.90
N ALA B 202 27.29 0.33 -27.50
CA ALA B 202 27.21 -1.09 -27.17
C ALA B 202 28.65 -1.58 -27.14
N LEU B 203 29.18 -1.80 -25.94
CA LEU B 203 30.59 -2.13 -25.82
C LEU B 203 30.81 -3.58 -26.27
N PRO B 204 31.79 -3.84 -27.14
CA PRO B 204 32.10 -5.23 -27.50
C PRO B 204 32.34 -6.10 -26.27
N ALA B 205 31.79 -7.30 -26.32
CA ALA B 205 32.05 -8.30 -25.29
C ALA B 205 33.56 -8.53 -25.15
N GLY B 206 34.04 -8.51 -23.92
CA GLY B 206 35.45 -8.67 -23.63
C GLY B 206 36.20 -7.38 -23.41
N ALA B 207 35.54 -6.22 -23.53
CA ALA B 207 36.23 -4.95 -23.46
C ALA B 207 36.88 -4.73 -22.11
N ALA B 208 36.30 -5.29 -21.05
CA ALA B 208 36.88 -5.12 -19.72
C ALA B 208 38.29 -5.65 -19.62
N SER B 209 38.71 -6.55 -20.52
CA SER B 209 40.03 -7.15 -20.44
C SER B 209 41.07 -6.41 -21.26
N LEU B 210 40.69 -5.32 -21.92
CA LEU B 210 41.59 -4.62 -22.81
C LEU B 210 42.66 -3.89 -22.02
N ASP B 211 43.83 -3.71 -22.64
CA ASP B 211 44.82 -2.80 -22.05
C ASP B 211 44.39 -1.37 -22.30
N ALA B 212 45.12 -0.42 -21.69
CA ALA B 212 44.61 0.94 -21.66
C ALA B 212 44.52 1.55 -23.05
N GLY B 213 45.52 1.27 -23.90
CA GLY B 213 45.49 1.81 -25.24
C GLY B 213 44.37 1.23 -26.10
N ASP B 214 44.21 -0.10 -26.06
CA ASP B 214 43.12 -0.72 -26.80
C ASP B 214 41.77 -0.27 -26.26
N PHE B 215 41.64 -0.18 -24.94
CA PHE B 215 40.39 0.26 -24.35
C PHE B 215 40.06 1.69 -24.77
N ALA B 216 41.07 2.54 -24.85
CA ALA B 216 40.83 3.90 -25.31
C ALA B 216 40.37 3.90 -26.76
N ALA B 217 40.97 3.05 -27.59
CA ALA B 217 40.55 2.96 -28.99
C ALA B 217 39.10 2.49 -29.10
N MET B 218 38.79 1.37 -28.46
CA MET B 218 37.40 0.91 -28.41
C MET B 218 36.46 2.01 -27.93
N SER B 219 36.81 2.69 -26.83
CA SER B 219 35.92 3.67 -26.22
C SER B 219 35.63 4.82 -27.17
N ALA B 220 36.66 5.34 -27.83
CA ALA B 220 36.48 6.47 -28.72
C ALA B 220 35.55 6.09 -29.86
N ALA B 221 35.63 4.86 -30.33
CA ALA B 221 34.79 4.39 -31.43
C ALA B 221 33.37 4.06 -30.96
N ALA B 222 33.19 3.65 -29.70
CA ALA B 222 31.89 3.15 -29.25
C ALA B 222 30.85 4.26 -29.09
N PHE B 223 31.27 5.46 -28.71
CA PHE B 223 30.34 6.56 -28.47
C PHE B 223 30.37 7.53 -29.64
N ASP B 224 29.29 8.28 -29.79
CA ASP B 224 29.25 9.34 -30.79
C ASP B 224 29.96 10.58 -30.25
N ARG B 225 31.03 11.00 -30.96
CA ARG B 225 31.85 12.13 -30.56
C ARG B 225 31.00 13.36 -30.21
N ASN B 226 30.00 13.67 -31.03
CA ASN B 226 29.22 14.88 -30.79
C ASN B 226 28.43 14.78 -29.49
N TRP B 227 27.91 13.59 -29.16
CA TRP B 227 27.16 13.47 -27.92
C TRP B 227 28.08 13.59 -26.72
N VAL B 228 29.20 12.86 -26.74
CA VAL B 228 30.23 12.98 -25.72
C VAL B 228 30.61 14.45 -25.52
N ALA B 229 31.07 15.09 -26.60
CA ALA B 229 31.46 16.51 -26.54
C ALA B 229 30.30 17.41 -26.14
N GLY B 230 29.06 17.02 -26.43
CA GLY B 230 27.94 17.78 -25.95
C GLY B 230 27.63 17.63 -24.48
N LEU B 231 28.26 16.67 -23.80
CA LEU B 231 27.92 16.39 -22.41
C LEU B 231 28.28 17.54 -21.48
N VAL B 232 29.35 18.28 -21.79
CA VAL B 232 29.81 19.33 -20.90
C VAL B 232 29.73 20.74 -21.51
N HIS C 5 9.57 -16.54 18.15
CA HIS C 5 9.66 -15.79 19.39
C HIS C 5 10.84 -14.84 19.43
N HIS C 6 11.21 -14.29 18.27
CA HIS C 6 12.30 -13.32 18.21
C HIS C 6 11.95 -12.09 19.04
N GLY C 7 12.98 -11.51 19.67
CA GLY C 7 12.86 -10.25 20.38
C GLY C 7 11.84 -10.28 21.50
N GLY C 8 11.24 -9.12 21.74
CA GLY C 8 10.31 -8.98 22.85
C GLY C 8 8.90 -8.80 22.36
N THR C 9 8.20 -7.80 22.92
CA THR C 9 6.80 -7.54 22.60
C THR C 9 6.69 -6.20 21.90
N ILE C 10 6.14 -6.22 20.68
CA ILE C 10 5.80 -5.01 19.95
C ILE C 10 4.28 -4.82 20.05
N LEU C 11 3.87 -3.60 20.39
CA LEU C 11 2.46 -3.29 20.60
C LEU C 11 2.17 -2.00 19.86
N VAL C 12 1.37 -2.06 18.81
CA VAL C 12 0.96 -0.82 18.17
C VAL C 12 -0.16 -0.22 19.01
N VAL C 13 -0.14 1.08 19.15
CA VAL C 13 -1.13 1.80 19.92
C VAL C 13 -1.87 2.65 18.91
N THR C 14 -3.07 2.23 18.53
CA THR C 14 -3.85 2.97 17.55
C THR C 14 -5.04 3.63 18.27
N GLY C 15 -5.96 4.19 17.48
CA GLY C 15 -7.15 4.79 18.04
C GLY C 15 -8.30 4.67 17.07
N THR C 16 -9.51 4.94 17.59
CA THR C 16 -10.65 5.00 16.69
C THR C 16 -10.59 6.21 15.76
N GLY C 17 -9.68 7.14 16.01
CA GLY C 17 -9.65 8.35 15.22
C GLY C 17 -8.59 9.28 15.74
N THR C 18 -8.69 10.54 15.36
CA THR C 18 -7.70 11.52 15.72
C THR C 18 -8.07 12.19 17.04
N GLY C 19 -7.05 12.53 17.82
CA GLY C 19 -7.26 13.25 19.05
C GLY C 19 -8.05 12.52 20.11
N VAL C 20 -7.95 11.19 20.16
CA VAL C 20 -8.69 10.37 21.13
C VAL C 20 -7.85 10.02 22.36
N GLY C 21 -6.59 10.43 22.41
CA GLY C 21 -5.72 10.14 23.54
C GLY C 21 -4.62 9.10 23.30
N LYS C 22 -4.28 8.81 22.04
CA LYS C 22 -3.24 7.81 21.78
C LYS C 22 -1.94 8.16 22.49
N THR C 23 -1.50 9.42 22.40
CA THR C 23 -0.20 9.78 22.97
C THR C 23 -0.20 9.59 24.49
N VAL C 24 -1.21 10.12 25.17
CA VAL C 24 -1.25 10.02 26.63
C VAL C 24 -1.41 8.57 27.05
N VAL C 25 -2.08 7.74 26.23
CA VAL C 25 -2.22 6.33 26.58
C VAL C 25 -0.90 5.60 26.42
N CYS C 26 -0.13 5.93 25.36
CA CYS C 26 1.24 5.42 25.24
C CYS C 26 2.05 5.76 26.48
N ALA C 27 2.05 7.04 26.86
CA ALA C 27 2.79 7.47 28.06
C ALA C 27 2.34 6.70 29.29
N ALA C 28 1.03 6.53 29.45
CA ALA C 28 0.49 5.87 30.63
C ALA C 28 0.85 4.38 30.65
N LEU C 29 0.74 3.71 29.49
CA LEU C 29 1.15 2.32 29.46
C LEU C 29 2.66 2.19 29.68
N ALA C 30 3.45 3.05 29.04
CA ALA C 30 4.89 3.04 29.23
C ALA C 30 5.24 3.24 30.70
N SER C 31 4.57 4.18 31.38
CA SER C 31 4.83 4.40 32.80
C SER C 31 4.50 3.17 33.61
N ALA C 32 3.32 2.59 33.38
CA ALA C 32 2.92 1.40 34.14
C ALA C 32 3.88 0.25 33.89
N ALA C 33 4.35 0.10 32.65
CA ALA C 33 5.26 -0.99 32.34
C ALA C 33 6.62 -0.77 33.02
N ARG C 34 7.16 0.45 32.96
CA ARG C 34 8.42 0.75 33.63
C ARG C 34 8.35 0.36 35.10
N GLN C 35 7.30 0.80 35.78
CA GLN C 35 7.13 0.50 37.20
C GLN C 35 6.98 -1.00 37.45
N ALA C 36 6.50 -1.76 36.45
CA ALA C 36 6.49 -3.21 36.54
C ALA C 36 7.84 -3.84 36.20
N GLY C 37 8.91 -3.05 36.13
CA GLY C 37 10.23 -3.56 35.84
C GLY C 37 10.51 -3.87 34.38
N ILE C 38 9.65 -3.44 33.46
CA ILE C 38 9.80 -3.76 32.04
C ILE C 38 10.57 -2.65 31.33
N ASP C 39 11.52 -3.03 30.48
CA ASP C 39 12.18 -2.09 29.59
C ASP C 39 11.20 -1.67 28.49
N VAL C 40 11.03 -0.36 28.32
CA VAL C 40 10.02 0.20 27.41
C VAL C 40 10.70 1.10 26.39
N ALA C 41 10.32 0.93 25.13
CA ALA C 41 10.68 1.88 24.08
C ALA C 41 9.40 2.37 23.42
N VAL C 42 9.42 3.62 22.94
CA VAL C 42 8.27 4.21 22.25
C VAL C 42 8.74 4.77 20.93
N CYS C 43 8.00 4.43 19.87
CA CYS C 43 8.36 4.67 18.48
C CYS C 43 7.20 5.45 17.85
N LYS C 44 7.53 6.50 17.10
CA LYS C 44 6.53 7.31 16.41
C LYS C 44 7.02 7.48 14.98
N PRO C 45 6.72 6.51 14.11
CA PRO C 45 7.28 6.55 12.75
C PRO C 45 6.90 7.82 11.97
N VAL C 46 5.71 8.37 12.18
CA VAL C 46 5.28 9.58 11.47
C VAL C 46 4.69 10.56 12.46
N GLN C 47 5.23 11.79 12.46
CA GLN C 47 4.77 12.87 13.32
C GLN C 47 4.43 14.04 12.42
N THR C 48 3.19 14.51 12.47
CA THR C 48 2.83 15.74 11.80
C THR C 48 2.57 16.81 12.87
N GLY C 49 2.26 18.02 12.40
CA GLY C 49 1.87 19.08 13.31
C GLY C 49 2.98 19.77 14.08
N THR C 50 4.25 19.61 13.67
CA THR C 50 5.29 20.34 14.39
C THR C 50 5.08 21.85 14.32
N ALA C 51 4.46 22.34 13.25
CA ALA C 51 4.14 23.76 13.17
C ALA C 51 3.24 24.23 14.30
N ARG C 52 2.46 23.32 14.91
CA ARG C 52 1.58 23.65 16.02
C ARG C 52 2.25 23.44 17.37
N GLY C 53 3.46 22.89 17.38
CA GLY C 53 4.14 22.53 18.60
C GLY C 53 4.13 21.05 18.91
N ASP C 54 3.52 20.23 18.06
CA ASP C 54 3.32 18.82 18.36
C ASP C 54 4.67 18.08 18.45
N ASP C 55 4.78 17.23 19.47
CA ASP C 55 5.86 16.23 19.50
C ASP C 55 5.43 15.16 20.49
N ASP C 56 4.82 14.09 19.98
CA ASP C 56 4.26 13.06 20.86
C ASP C 56 5.36 12.28 21.57
N LEU C 57 6.51 12.08 20.92
CA LEU C 57 7.61 11.39 21.59
C LEU C 57 8.09 12.19 22.78
N ALA C 58 8.25 13.53 22.60
CA ALA C 58 8.68 14.40 23.69
C ALA C 58 7.67 14.41 24.81
N GLU C 59 6.39 14.30 24.47
CA GLU C 59 5.35 14.32 25.49
C GLU C 59 5.35 13.02 26.29
N VAL C 60 5.57 11.90 25.61
CA VAL C 60 5.71 10.62 26.31
C VAL C 60 6.91 10.66 27.24
N GLY C 61 8.05 11.14 26.75
CA GLY C 61 9.23 11.24 27.58
C GLY C 61 8.99 12.11 28.80
N ARG C 62 8.35 13.26 28.60
CA ARG C 62 8.09 14.18 29.69
C ARG C 62 7.12 13.59 30.72
N LEU C 63 6.07 12.89 30.24
CA LEU C 63 5.08 12.32 31.16
C LEU C 63 5.58 11.02 31.80
N ALA C 64 6.11 10.11 31.00
CA ALA C 64 6.43 8.76 31.50
C ALA C 64 7.88 8.60 31.93
N GLY C 65 8.77 9.51 31.56
CA GLY C 65 10.17 9.34 31.85
C GLY C 65 10.91 8.43 30.89
N VAL C 66 10.29 8.08 29.76
CA VAL C 66 10.94 7.23 28.77
C VAL C 66 12.01 8.04 28.05
N THR C 67 13.21 7.46 27.97
CA THR C 67 14.29 8.03 27.17
C THR C 67 14.54 7.28 25.88
N GLN C 68 14.09 6.02 25.77
CA GLN C 68 14.21 5.26 24.52
C GLN C 68 13.02 5.63 23.64
N LEU C 69 13.21 6.72 22.89
CA LEU C 69 12.20 7.32 22.01
C LEU C 69 12.77 7.35 20.60
N ALA C 70 12.02 6.86 19.63
CA ALA C 70 12.52 6.69 18.28
C ALA C 70 11.53 7.28 17.29
N GLY C 71 11.96 8.28 16.54
CA GLY C 71 11.17 8.89 15.50
C GLY C 71 11.80 8.66 14.13
N LEU C 72 11.14 9.21 13.12
CA LEU C 72 11.55 9.00 11.74
C LEU C 72 11.08 10.19 10.91
N ALA C 73 9.82 10.16 10.47
CA ALA C 73 9.26 11.22 9.65
C ALA C 73 8.63 12.29 10.55
N ARG C 74 8.92 13.54 10.24
CA ARG C 74 8.32 14.67 10.93
C ARG C 74 7.89 15.67 9.87
N TYR C 75 6.66 16.15 9.99
CA TYR C 75 6.14 17.12 9.03
C TYR C 75 5.49 18.27 9.78
N PRO C 76 5.50 19.46 9.20
CA PRO C 76 5.04 20.65 9.94
C PRO C 76 3.54 20.73 10.19
N GLN C 77 2.74 20.57 9.15
CA GLN C 77 1.32 20.88 9.26
C GLN C 77 0.58 19.77 10.01
N PRO C 78 -0.38 20.13 10.85
CA PRO C 78 -1.17 19.14 11.61
C PRO C 78 -2.33 18.58 10.79
N MET C 79 -1.97 17.80 9.78
CA MET C 79 -2.91 17.12 8.89
C MET C 79 -2.48 15.68 8.75
N ALA C 80 -3.25 14.90 8.00
CA ALA C 80 -2.88 13.51 7.75
C ALA C 80 -1.46 13.44 7.21
N PRO C 81 -0.69 12.40 7.57
CA PRO C 81 0.69 12.28 7.05
C PRO C 81 0.84 12.54 5.56
N ALA C 82 -0.04 11.97 4.73
CA ALA C 82 0.06 12.18 3.28
C ALA C 82 -0.08 13.67 2.94
N ALA C 83 -1.11 14.33 3.50
CA ALA C 83 -1.35 15.73 3.20
C ALA C 83 -0.27 16.62 3.79
N ALA C 84 0.26 16.25 4.97
CA ALA C 84 1.35 17.02 5.54
C ALA C 84 2.61 16.91 4.67
N ALA C 85 2.92 15.69 4.21
CA ALA C 85 4.10 15.50 3.37
C ALA C 85 3.96 16.26 2.05
N GLU C 86 2.78 16.18 1.43
CA GLU C 86 2.48 16.98 0.24
C GLU C 86 2.71 18.46 0.50
N HIS C 87 2.14 18.98 1.59
CA HIS C 87 2.27 20.40 1.89
C HIS C 87 3.72 20.83 2.05
N ALA C 88 4.59 19.92 2.50
CA ALA C 88 6.00 20.24 2.76
C ALA C 88 6.91 19.84 1.61
N GLY C 89 6.36 19.46 0.46
CA GLY C 89 7.21 19.01 -0.63
C GLY C 89 8.02 17.78 -0.31
N MET C 90 7.57 16.96 0.63
CA MET C 90 8.31 15.79 1.08
C MET C 90 7.53 14.52 0.77
N ALA C 91 8.23 13.40 0.88
CA ALA C 91 7.65 12.08 0.70
C ALA C 91 7.33 11.47 2.06
N LEU C 92 6.39 10.55 2.06
CA LEU C 92 6.20 9.68 3.21
C LEU C 92 7.42 8.79 3.36
N PRO C 93 7.69 8.30 4.58
CA PRO C 93 8.76 7.31 4.74
C PRO C 93 8.39 6.02 4.01
N ALA C 94 9.41 5.20 3.74
CA ALA C 94 9.19 3.93 3.07
C ALA C 94 8.73 2.87 4.07
N ARG C 95 7.95 1.91 3.57
CA ARG C 95 7.50 0.81 4.42
C ARG C 95 8.69 0.17 5.15
N ASP C 96 9.73 -0.23 4.40
CA ASP C 96 10.85 -0.92 5.04
C ASP C 96 11.61 -0.03 6.02
N GLN C 97 11.54 1.30 5.88
CA GLN C 97 12.11 2.19 6.89
C GLN C 97 11.35 2.08 8.21
N ILE C 98 10.02 2.10 8.15
CA ILE C 98 9.20 2.00 9.36
C ILE C 98 9.45 0.67 10.04
N VAL C 99 9.43 -0.41 9.27
CA VAL C 99 9.67 -1.72 9.86
C VAL C 99 11.07 -1.77 10.49
N ARG C 100 12.07 -1.24 9.78
CA ARG C 100 13.43 -1.20 10.32
C ARG C 100 13.48 -0.43 11.63
N LEU C 101 12.87 0.77 11.64
CA LEU C 101 12.81 1.56 12.87
C LEU C 101 12.26 0.73 14.03
N ILE C 102 11.18 0.00 13.79
CA ILE C 102 10.58 -0.82 14.82
C ILE C 102 11.47 -2.02 15.16
N ALA C 103 11.95 -2.73 14.14
CA ALA C 103 12.71 -3.97 14.37
C ALA C 103 14.02 -3.70 15.09
N ASP C 104 14.62 -2.53 14.87
CA ASP C 104 15.84 -2.18 15.59
C ASP C 104 15.60 -2.01 17.09
N LEU C 105 14.44 -1.44 17.45
CA LEU C 105 14.12 -1.24 18.87
C LEU C 105 13.77 -2.55 19.57
N ASP C 106 13.11 -3.46 18.87
CA ASP C 106 12.63 -4.71 19.47
C ASP C 106 13.80 -5.47 20.10
N ARG C 107 13.71 -5.73 21.41
CA ARG C 107 14.67 -6.55 22.13
C ARG C 107 13.90 -7.56 22.97
N PRO C 108 14.46 -8.74 23.21
CA PRO C 108 13.91 -9.61 24.25
C PRO C 108 13.83 -8.85 25.56
N GLY C 109 12.72 -9.04 26.28
CA GLY C 109 12.48 -8.36 27.54
C GLY C 109 11.93 -6.96 27.43
N ARG C 110 11.75 -6.44 26.21
CA ARG C 110 11.36 -5.06 25.98
C ARG C 110 9.92 -4.98 25.48
N LEU C 111 9.18 -3.99 25.98
CA LEU C 111 7.91 -3.56 25.40
C LEU C 111 8.20 -2.38 24.48
N THR C 112 8.00 -2.59 23.19
CA THR C 112 8.13 -1.52 22.22
C THR C 112 6.72 -1.10 21.80
N LEU C 113 6.35 0.13 22.11
CA LEU C 113 5.06 0.68 21.72
C LEU C 113 5.27 1.50 20.45
N VAL C 114 4.38 1.31 19.49
CA VAL C 114 4.43 2.01 18.21
C VAL C 114 3.18 2.87 18.12
N GLU C 115 3.35 4.18 18.22
CA GLU C 115 2.21 5.08 18.22
C GLU C 115 1.91 5.51 16.79
N GLY C 116 0.69 5.23 16.33
CA GLY C 116 0.31 5.62 14.99
C GLY C 116 -0.06 7.09 14.92
N ALA C 117 -0.52 7.49 13.75
CA ALA C 117 -1.03 8.83 13.52
C ALA C 117 -2.50 8.73 13.11
N GLY C 118 -3.37 9.36 13.88
CA GLY C 118 -4.79 9.30 13.57
C GLY C 118 -5.31 7.90 13.81
N GLY C 119 -6.22 7.46 12.94
CA GLY C 119 -6.84 6.16 13.09
C GLY C 119 -6.05 5.02 12.46
N LEU C 120 -6.61 3.81 12.58
CA LEU C 120 -5.93 2.60 12.15
C LEU C 120 -5.60 2.61 10.67
N LEU C 121 -6.53 3.07 9.82
CA LEU C 121 -6.32 2.95 8.38
C LEU C 121 -5.69 4.20 7.78
N VAL C 122 -5.06 5.03 8.60
CA VAL C 122 -4.33 6.18 8.09
C VAL C 122 -3.10 5.72 7.32
N GLU C 123 -2.86 6.36 6.16
CA GLU C 123 -1.67 6.04 5.35
C GLU C 123 -0.40 6.55 6.03
N LEU C 124 0.53 5.65 6.33
CA LEU C 124 1.83 6.01 6.89
C LEU C 124 2.97 5.90 5.90
N ALA C 125 2.85 5.05 4.90
CA ALA C 125 3.85 4.92 3.85
C ALA C 125 3.14 4.56 2.56
N GLU C 126 3.83 4.78 1.42
CA GLU C 126 3.28 4.48 0.10
C GLU C 126 3.43 3.00 -0.21
N PRO C 127 2.45 2.38 -0.85
CA PRO C 127 1.16 2.95 -1.21
C PRO C 127 0.04 2.50 -0.26
N GLY C 128 -0.59 3.43 0.47
CA GLY C 128 -1.67 3.04 1.36
C GLY C 128 -1.27 2.07 2.43
N VAL C 129 -0.03 2.14 2.90
CA VAL C 129 0.43 1.27 3.97
C VAL C 129 0.01 1.88 5.31
N THR C 130 -0.62 1.07 6.14
CA THR C 130 -1.23 1.55 7.38
C THR C 130 -0.53 0.93 8.58
N LEU C 131 -0.89 1.45 9.75
CA LEU C 131 -0.39 0.83 10.99
C LEU C 131 -0.88 -0.61 11.11
N ARG C 132 -2.05 -0.91 10.55
CA ARG C 132 -2.48 -2.31 10.50
C ARG C 132 -1.48 -3.15 9.71
N ASP C 133 -1.12 -2.69 8.50
CA ASP C 133 -0.12 -3.42 7.71
C ASP C 133 1.18 -3.60 8.50
N VAL C 134 1.63 -2.54 9.16
CA VAL C 134 2.88 -2.63 9.90
C VAL C 134 2.75 -3.62 11.04
N ALA C 135 1.61 -3.62 11.72
CA ALA C 135 1.43 -4.55 12.83
C ALA C 135 1.53 -5.99 12.34
N VAL C 136 0.91 -6.31 11.19
CA VAL C 136 1.07 -7.62 10.57
C VAL C 136 2.55 -7.92 10.31
N ASP C 137 3.28 -6.93 9.77
CA ASP C 137 4.68 -7.14 9.41
C ASP C 137 5.52 -7.56 10.62
N VAL C 138 5.34 -6.88 11.74
CA VAL C 138 6.18 -7.09 12.91
C VAL C 138 5.50 -7.98 13.94
N ALA C 139 4.34 -8.56 13.60
CA ALA C 139 3.60 -9.47 14.49
C ALA C 139 3.26 -8.79 15.82
N ALA C 140 2.75 -7.57 15.73
CA ALA C 140 2.31 -6.81 16.90
C ALA C 140 0.81 -6.95 17.10
N ALA C 141 0.40 -7.07 18.36
CA ALA C 141 -1.00 -6.85 18.68
C ALA C 141 -1.30 -5.36 18.61
N ALA C 142 -2.58 -5.01 18.71
CA ALA C 142 -2.99 -3.60 18.62
C ALA C 142 -3.80 -3.22 19.84
N LEU C 143 -3.35 -2.17 20.53
CA LEU C 143 -4.09 -1.53 21.61
C LEU C 143 -4.93 -0.41 21.01
N VAL C 144 -6.22 -0.39 21.33
CA VAL C 144 -7.13 0.56 20.68
C VAL C 144 -7.57 1.61 21.70
N VAL C 145 -7.20 2.86 21.45
CA VAL C 145 -7.60 3.98 22.29
C VAL C 145 -8.95 4.49 21.79
N VAL C 146 -9.90 4.69 22.72
CA VAL C 146 -11.26 5.06 22.38
C VAL C 146 -11.68 6.20 23.30
N THR C 147 -12.71 6.94 22.89
CA THR C 147 -13.34 7.90 23.77
C THR C 147 -14.56 7.29 24.45
N ALA C 148 -15.13 8.03 25.39
CA ALA C 148 -16.37 7.67 26.06
C ALA C 148 -17.56 8.39 25.46
N ASP C 149 -17.36 9.12 24.37
CA ASP C 149 -18.33 10.04 23.81
C ASP C 149 -19.27 9.33 22.85
N LEU C 150 -20.41 9.98 22.60
CA LEU C 150 -21.38 9.50 21.61
C LEU C 150 -20.67 9.15 20.29
N GLY C 151 -20.95 7.97 19.76
CA GLY C 151 -20.33 7.55 18.52
C GLY C 151 -19.12 6.65 18.69
N THR C 152 -18.62 6.49 19.92
CA THR C 152 -17.43 5.66 20.10
C THR C 152 -17.74 4.18 19.85
N LEU C 153 -18.98 3.75 20.05
CA LEU C 153 -19.27 2.33 19.89
C LEU C 153 -19.13 1.92 18.44
N ASN C 154 -19.67 2.73 17.52
CA ASN C 154 -19.53 2.47 16.10
C ASN C 154 -18.05 2.45 15.68
N HIS C 155 -17.28 3.45 16.11
CA HIS C 155 -15.91 3.53 15.64
C HIS C 155 -15.06 2.41 16.20
N THR C 156 -15.31 2.03 17.46
CA THR C 156 -14.60 0.92 18.06
C THR C 156 -14.88 -0.38 17.34
N LYS C 157 -16.17 -0.68 17.12
CA LYS C 157 -16.56 -1.87 16.38
C LYS C 157 -15.93 -1.88 15.00
N LEU C 158 -15.95 -0.73 14.32
CA LEU C 158 -15.34 -0.64 13.00
C LEU C 158 -13.84 -0.91 13.07
N THR C 159 -13.18 -0.40 14.12
CA THR C 159 -11.75 -0.60 14.23
C THR C 159 -11.43 -2.05 14.54
N LEU C 160 -12.21 -2.66 15.45
CA LEU C 160 -11.97 -4.04 15.83
C LEU C 160 -12.24 -4.99 14.66
N GLU C 161 -13.27 -4.70 13.84
CA GLU C 161 -13.47 -5.52 12.65
C GLU C 161 -12.24 -5.47 11.76
N ALA C 162 -11.71 -4.27 11.52
CA ALA C 162 -10.57 -4.11 10.62
C ALA C 162 -9.33 -4.81 11.16
N LEU C 163 -9.14 -4.83 12.48
CA LEU C 163 -8.02 -5.60 13.04
C LEU C 163 -8.22 -7.09 12.81
N ALA C 164 -9.40 -7.61 13.14
CA ALA C 164 -9.66 -9.03 12.97
C ALA C 164 -9.54 -9.45 11.51
N ALA C 165 -9.91 -8.57 10.58
CA ALA C 165 -9.86 -8.92 9.16
C ALA C 165 -8.45 -9.30 8.71
N GLN C 166 -7.42 -8.75 9.35
CA GLN C 166 -6.04 -9.11 9.01
C GLN C 166 -5.35 -9.91 10.12
N GLN C 167 -6.13 -10.54 11.01
CA GLN C 167 -5.60 -11.33 12.12
C GLN C 167 -4.57 -10.54 12.95
N VAL C 168 -4.83 -9.24 13.14
CA VAL C 168 -4.12 -8.44 14.12
C VAL C 168 -4.87 -8.57 15.45
N SER C 169 -4.22 -9.20 16.43
CA SER C 169 -4.83 -9.37 17.73
C SER C 169 -5.08 -8.03 18.41
N CYS C 170 -6.27 -7.86 18.97
CA CYS C 170 -6.58 -6.68 19.77
C CYS C 170 -6.13 -6.94 21.21
N ALA C 171 -5.13 -6.19 21.66
CA ALA C 171 -4.67 -6.31 23.04
C ALA C 171 -5.65 -5.70 24.04
N GLY C 172 -6.69 -5.01 23.58
CA GLY C 172 -7.69 -4.41 24.44
C GLY C 172 -7.99 -2.99 24.02
N LEU C 173 -8.89 -2.37 24.78
CA LEU C 173 -9.22 -0.96 24.61
C LEU C 173 -8.65 -0.16 25.77
N VAL C 174 -8.41 1.13 25.53
CA VAL C 174 -8.15 2.09 26.58
C VAL C 174 -8.99 3.32 26.31
N ILE C 175 -9.80 3.72 27.28
CA ILE C 175 -10.54 4.97 27.16
C ILE C 175 -9.56 6.11 27.44
N GLY C 176 -9.37 6.95 26.44
CA GLY C 176 -8.34 7.99 26.54
C GLY C 176 -8.63 9.03 27.59
N SER C 177 -9.91 9.33 27.84
CA SER C 177 -10.26 10.30 28.87
C SER C 177 -11.59 9.87 29.47
N TRP C 178 -11.60 9.64 30.78
CA TRP C 178 -12.78 9.14 31.46
C TRP C 178 -13.31 10.19 32.43
N PRO C 179 -14.51 10.72 32.21
CA PRO C 179 -15.02 11.79 33.07
C PRO C 179 -15.40 11.28 34.46
N ASP C 180 -15.24 12.14 35.45
CA ASP C 180 -15.59 11.82 36.84
C ASP C 180 -16.48 12.92 37.39
N PRO C 181 -17.77 12.63 37.67
CA PRO C 181 -18.42 11.34 37.44
C PRO C 181 -18.87 11.20 35.99
N PRO C 182 -19.17 9.98 35.55
CA PRO C 182 -19.59 9.77 34.15
C PRO C 182 -21.05 10.10 33.97
N GLY C 183 -21.36 10.84 32.91
CA GLY C 183 -22.73 11.06 32.50
C GLY C 183 -23.38 9.78 31.99
N LEU C 184 -24.64 9.92 31.57
CA LEU C 184 -25.39 8.76 31.10
C LEU C 184 -24.73 8.10 29.90
N VAL C 185 -24.28 8.90 28.93
CA VAL C 185 -23.71 8.33 27.71
C VAL C 185 -22.36 7.69 28.00
N ALA C 186 -21.52 8.37 28.79
CA ALA C 186 -20.22 7.81 29.14
C ALA C 186 -20.37 6.53 29.94
N ALA C 187 -21.25 6.54 30.95
CA ALA C 187 -21.48 5.32 31.73
C ALA C 187 -22.00 4.20 30.84
N SER C 188 -22.94 4.51 29.95
CA SER C 188 -23.49 3.50 29.06
C SER C 188 -22.42 2.99 28.09
N ASN C 189 -21.62 3.89 27.55
CA ASN C 189 -20.59 3.49 26.57
C ASN C 189 -19.52 2.61 27.21
N ARG C 190 -19.07 2.96 28.41
CA ARG C 190 -18.07 2.12 29.07
C ARG C 190 -18.59 0.70 29.27
N SER C 191 -19.83 0.56 29.72
CA SER C 191 -20.42 -0.77 29.85
C SER C 191 -20.49 -1.45 28.49
N ALA C 192 -20.88 -0.70 27.45
CA ALA C 192 -20.95 -1.30 26.13
C ALA C 192 -19.57 -1.64 25.58
N LEU C 193 -18.53 -0.88 25.95
CA LEU C 193 -17.21 -1.19 25.42
C LEU C 193 -16.64 -2.46 26.05
N ALA C 194 -16.88 -2.65 27.35
CA ALA C 194 -16.42 -3.87 27.99
C ALA C 194 -17.13 -5.10 27.45
N ARG C 195 -18.25 -4.93 26.77
CA ARG C 195 -18.93 -6.08 26.16
C ARG C 195 -18.35 -6.45 24.80
N ILE C 196 -17.58 -5.56 24.17
CA ILE C 196 -16.97 -5.91 22.90
C ILE C 196 -15.47 -6.19 22.99
N ALA C 197 -14.79 -5.75 24.05
CA ALA C 197 -13.37 -6.02 24.20
C ALA C 197 -12.95 -5.66 25.61
N MET C 198 -11.81 -6.19 26.03
CA MET C 198 -11.28 -5.89 27.36
C MET C 198 -10.93 -4.41 27.45
N VAL C 199 -11.48 -3.73 28.45
CA VAL C 199 -11.15 -2.33 28.72
C VAL C 199 -9.97 -2.35 29.67
N ARG C 200 -8.76 -2.12 29.12
CA ARG C 200 -7.53 -2.24 29.91
C ARG C 200 -7.40 -1.10 30.91
N ALA C 201 -7.86 0.10 30.54
CA ALA C 201 -7.74 1.26 31.39
C ALA C 201 -8.71 2.32 30.91
N ALA C 202 -9.10 3.19 31.84
CA ALA C 202 -9.87 4.40 31.54
C ALA C 202 -9.10 5.55 32.18
N LEU C 203 -8.37 6.32 31.39
CA LEU C 203 -7.46 7.28 31.97
C LEU C 203 -8.25 8.47 32.51
N PRO C 204 -8.11 8.81 33.79
CA PRO C 204 -8.78 10.00 34.33
C PRO C 204 -8.59 11.19 33.40
N ALA C 205 -9.66 11.96 33.22
CA ALA C 205 -9.55 13.19 32.46
C ALA C 205 -8.51 14.10 33.08
N GLY C 206 -7.77 14.82 32.23
CA GLY C 206 -6.69 15.65 32.74
C GLY C 206 -5.39 14.92 33.01
N ALA C 207 -5.29 13.63 32.71
CA ALA C 207 -4.05 12.90 32.92
C ALA C 207 -2.89 13.53 32.16
N ALA C 208 -3.18 14.22 31.04
CA ALA C 208 -2.10 14.80 30.24
C ALA C 208 -1.41 15.95 30.94
N SER C 209 -2.03 16.52 31.97
CA SER C 209 -1.46 17.67 32.66
C SER C 209 -0.82 17.30 33.99
N LEU C 210 -0.70 16.00 34.30
CA LEU C 210 -0.09 15.58 35.54
C LEU C 210 1.42 15.74 35.50
N ASP C 211 2.02 15.93 36.67
CA ASP C 211 3.48 15.94 36.75
C ASP C 211 3.98 14.50 36.71
N ALA C 212 5.31 14.32 36.73
CA ALA C 212 5.85 12.97 36.59
C ALA C 212 5.40 12.07 37.74
N GLY C 213 5.42 12.57 38.97
CA GLY C 213 5.01 11.76 40.10
C GLY C 213 3.54 11.37 40.03
N ASP C 214 2.66 12.36 39.80
CA ASP C 214 1.23 12.07 39.73
C ASP C 214 0.89 11.20 38.52
N PHE C 215 1.56 11.45 37.38
CA PHE C 215 1.28 10.61 36.21
C PHE C 215 1.68 9.17 36.46
N ALA C 216 2.85 8.95 37.05
CA ALA C 216 3.28 7.60 37.40
C ALA C 216 2.23 6.90 38.27
N ALA C 217 1.75 7.59 39.30
CA ALA C 217 0.73 7.02 40.17
C ALA C 217 -0.56 6.75 39.40
N MET C 218 -1.01 7.71 38.60
CA MET C 218 -2.20 7.47 37.80
C MET C 218 -2.02 6.24 36.92
N SER C 219 -0.85 6.09 36.30
CA SER C 219 -0.65 5.01 35.34
C SER C 219 -0.66 3.66 36.03
N ALA C 220 0.07 3.53 37.15
CA ALA C 220 0.05 2.27 37.90
C ALA C 220 -1.35 1.92 38.37
N ALA C 221 -2.17 2.91 38.69
CA ALA C 221 -3.54 2.63 39.11
C ALA C 221 -4.47 2.33 37.93
N ALA C 222 -4.20 2.91 36.75
CA ALA C 222 -5.11 2.76 35.61
C ALA C 222 -5.12 1.33 35.06
N PHE C 223 -3.98 0.67 35.08
CA PHE C 223 -3.82 -0.63 34.45
C PHE C 223 -3.71 -1.74 35.48
N ASP C 224 -4.30 -2.89 35.17
CA ASP C 224 -4.09 -4.08 35.99
C ASP C 224 -2.65 -4.53 35.83
N ARG C 225 -1.91 -4.56 36.94
CA ARG C 225 -0.49 -4.84 36.88
C ARG C 225 -0.20 -6.23 36.32
N ASN C 226 -1.07 -7.20 36.63
CA ASN C 226 -0.90 -8.54 36.08
C ASN C 226 -0.94 -8.51 34.55
N TRP C 227 -1.89 -7.76 33.98
CA TRP C 227 -1.95 -7.67 32.53
C TRP C 227 -0.68 -7.04 31.96
N VAL C 228 -0.24 -5.94 32.56
CA VAL C 228 0.94 -5.22 32.05
C VAL C 228 2.17 -6.12 32.10
N ALA C 229 2.38 -6.76 33.26
CA ALA C 229 3.54 -7.63 33.44
C ALA C 229 3.51 -8.80 32.47
N GLY C 230 2.33 -9.28 32.11
CA GLY C 230 2.19 -10.39 31.21
C GLY C 230 2.34 -10.06 29.75
N LEU C 231 2.50 -8.78 29.42
CA LEU C 231 2.70 -8.38 28.02
C LEU C 231 4.03 -8.88 27.50
N VAL C 232 5.04 -9.00 28.36
CA VAL C 232 6.41 -9.31 27.98
C VAL C 232 6.77 -10.68 28.54
N GLY C 233 7.24 -11.57 27.68
CA GLY C 233 7.67 -12.89 28.11
C GLY C 233 9.15 -13.00 28.47
N HIS D 6 -37.79 -8.21 -10.37
CA HIS D 6 -37.32 -7.05 -9.60
C HIS D 6 -38.48 -6.29 -8.95
N GLY D 7 -38.14 -5.33 -8.08
CA GLY D 7 -39.12 -4.44 -7.49
C GLY D 7 -38.72 -3.00 -7.71
N GLY D 8 -38.57 -2.23 -6.63
CA GLY D 8 -37.96 -0.92 -6.69
C GLY D 8 -36.50 -0.95 -6.28
N THR D 9 -35.98 0.20 -5.85
CA THR D 9 -34.61 0.27 -5.35
C THR D 9 -34.63 0.65 -3.87
N ILE D 10 -33.93 -0.13 -3.06
CA ILE D 10 -33.73 0.17 -1.65
C ILE D 10 -32.29 0.61 -1.48
N LEU D 11 -32.09 1.76 -0.84
CA LEU D 11 -30.78 2.33 -0.58
C LEU D 11 -30.72 2.67 0.89
N VAL D 12 -29.82 2.03 1.65
CA VAL D 12 -29.59 2.50 3.00
C VAL D 12 -28.67 3.71 2.92
N VAL D 13 -28.96 4.72 3.72
CA VAL D 13 -28.12 5.89 3.84
C VAL D 13 -27.48 5.80 5.21
N THR D 14 -26.18 5.56 5.22
CA THR D 14 -25.47 5.44 6.48
C THR D 14 -24.45 6.58 6.57
N GLY D 15 -23.57 6.49 7.57
CA GLY D 15 -22.59 7.54 7.76
C GLY D 15 -21.39 6.98 8.48
N THR D 16 -20.33 7.77 8.50
CA THR D 16 -19.14 7.37 9.24
C THR D 16 -19.35 7.46 10.75
N GLY D 17 -20.39 8.16 11.19
CA GLY D 17 -20.61 8.34 12.61
C GLY D 17 -21.88 9.13 12.88
N THR D 18 -21.99 9.62 14.09
CA THR D 18 -23.16 10.37 14.51
C THR D 18 -22.99 11.86 14.17
N GLY D 19 -24.09 12.48 13.74
CA GLY D 19 -24.04 13.91 13.46
C GLY D 19 -23.18 14.30 12.28
N VAL D 20 -23.24 13.54 11.19
CA VAL D 20 -22.42 13.82 10.02
C VAL D 20 -23.24 14.30 8.84
N GLY D 21 -24.55 14.46 9.00
CA GLY D 21 -25.43 14.91 7.94
C GLY D 21 -26.26 13.83 7.27
N LYS D 22 -26.43 12.67 7.90
CA LYS D 22 -27.18 11.58 7.29
C LYS D 22 -28.59 12.01 6.90
N THR D 23 -29.32 12.63 7.83
CA THR D 23 -30.71 13.00 7.58
C THR D 23 -30.82 14.05 6.46
N VAL D 24 -29.97 15.08 6.50
CA VAL D 24 -30.05 16.12 5.47
C VAL D 24 -29.69 15.54 4.12
N VAL D 25 -28.73 14.62 4.08
CA VAL D 25 -28.40 13.95 2.82
C VAL D 25 -29.57 13.08 2.37
N CYS D 26 -30.23 12.41 3.31
N CYS D 26 -30.22 12.43 3.32
CA CYS D 26 -31.43 11.67 2.96
CA CYS D 26 -31.41 11.66 2.99
C CYS D 26 -32.45 12.58 2.30
C CYS D 26 -32.47 12.55 2.34
N ALA D 27 -32.71 13.72 2.93
CA ALA D 27 -33.69 14.66 2.37
C ALA D 27 -33.23 15.17 1.01
N ALA D 28 -31.93 15.39 0.84
CA ALA D 28 -31.48 15.96 -0.43
C ALA D 28 -31.57 14.94 -1.55
N LEU D 29 -31.14 13.70 -1.31
CA LEU D 29 -31.32 12.66 -2.33
C LEU D 29 -32.80 12.46 -2.62
N ALA D 30 -33.64 12.40 -1.58
CA ALA D 30 -35.09 12.29 -1.78
C ALA D 30 -35.62 13.43 -2.65
N SER D 31 -35.22 14.66 -2.33
CA SER D 31 -35.67 15.80 -3.12
C SER D 31 -35.21 15.69 -4.57
N ALA D 32 -33.95 15.29 -4.79
CA ALA D 32 -33.41 15.23 -6.13
C ALA D 32 -34.07 14.10 -6.92
N ALA D 33 -34.37 12.99 -6.26
CA ALA D 33 -35.08 11.90 -6.94
C ALA D 33 -36.53 12.29 -7.24
N ARG D 34 -37.22 12.94 -6.29
CA ARG D 34 -38.57 13.41 -6.56
C ARG D 34 -38.59 14.36 -7.75
N GLN D 35 -37.65 15.31 -7.78
CA GLN D 35 -37.59 16.24 -8.90
C GLN D 35 -37.26 15.54 -10.21
N ALA D 36 -36.69 14.34 -10.15
CA ALA D 36 -36.41 13.54 -11.33
C ALA D 36 -37.57 12.63 -11.71
N GLY D 37 -38.74 12.81 -11.09
CA GLY D 37 -39.90 12.01 -11.38
C GLY D 37 -39.93 10.66 -10.69
N ILE D 38 -39.16 10.46 -9.63
CA ILE D 38 -39.09 9.20 -8.91
C ILE D 38 -39.92 9.32 -7.63
N ASP D 39 -40.73 8.30 -7.35
CA ASP D 39 -41.45 8.20 -6.10
C ASP D 39 -40.48 7.79 -5.00
N VAL D 40 -40.49 8.52 -3.89
CA VAL D 40 -39.53 8.28 -2.82
C VAL D 40 -40.27 7.94 -1.53
N ALA D 41 -39.77 6.94 -0.82
CA ALA D 41 -40.16 6.69 0.56
C ALA D 41 -38.89 6.68 1.41
N VAL D 42 -39.03 7.11 2.65
CA VAL D 42 -37.93 7.07 3.61
C VAL D 42 -38.40 6.27 4.81
N CYS D 43 -37.60 5.32 5.23
CA CYS D 43 -37.87 4.52 6.42
C CYS D 43 -36.75 4.77 7.41
N LYS D 44 -37.13 5.15 8.63
CA LYS D 44 -36.22 5.32 9.75
C LYS D 44 -36.81 4.46 10.85
N PRO D 45 -36.42 3.18 10.93
CA PRO D 45 -37.11 2.29 11.88
C PRO D 45 -36.99 2.74 13.30
N VAL D 46 -35.85 3.30 13.69
CA VAL D 46 -35.60 3.71 15.07
C VAL D 46 -35.19 5.18 15.12
N GLN D 47 -35.89 5.94 15.95
CA GLN D 47 -35.55 7.33 16.26
C GLN D 47 -35.28 7.43 17.75
N THR D 48 -34.16 8.05 18.14
CA THR D 48 -33.95 8.42 19.54
C THR D 48 -33.94 9.95 19.65
N GLY D 49 -33.70 10.44 20.87
CA GLY D 49 -33.64 11.88 21.07
C GLY D 49 -34.96 12.59 20.90
N THR D 50 -36.09 11.89 21.06
CA THR D 50 -37.37 12.56 20.86
C THR D 50 -37.68 13.57 21.96
N ALA D 51 -37.10 13.41 23.15
CA ALA D 51 -37.37 14.36 24.23
C ALA D 51 -36.96 15.78 23.83
N ARG D 52 -35.77 15.93 23.24
CA ARG D 52 -35.36 17.25 22.77
C ARG D 52 -35.96 17.60 21.41
N GLY D 53 -36.82 16.77 20.84
CA GLY D 53 -37.52 17.09 19.62
C GLY D 53 -36.98 16.48 18.35
N ASP D 54 -36.03 15.54 18.44
CA ASP D 54 -35.49 14.90 17.24
C ASP D 54 -36.59 14.16 16.49
N ASP D 55 -36.63 14.37 15.17
CA ASP D 55 -37.62 13.72 14.32
C ASP D 55 -37.06 13.82 12.90
N ASP D 56 -36.28 12.81 12.51
CA ASP D 56 -35.59 12.88 11.22
C ASP D 56 -36.54 12.68 10.06
N LEU D 57 -37.58 11.86 10.23
CA LEU D 57 -38.60 11.73 9.19
C LEU D 57 -39.30 13.06 8.93
N ALA D 58 -39.61 13.81 10.00
CA ALA D 58 -40.27 15.10 9.78
C ALA D 58 -39.34 16.08 9.10
N GLU D 59 -38.03 15.96 9.34
CA GLU D 59 -37.08 16.82 8.63
C GLU D 59 -37.07 16.47 7.15
N VAL D 60 -37.12 15.18 6.81
CA VAL D 60 -37.19 14.78 5.40
C VAL D 60 -38.51 15.24 4.78
N GLY D 61 -39.62 15.08 5.51
CA GLY D 61 -40.90 15.55 5.01
C GLY D 61 -40.90 17.05 4.74
N ARG D 62 -40.36 17.82 5.68
CA ARG D 62 -40.29 19.26 5.52
C ARG D 62 -39.39 19.65 4.35
N LEU D 63 -38.16 19.14 4.33
CA LEU D 63 -37.18 19.59 3.34
C LEU D 63 -37.49 19.09 1.94
N ALA D 64 -37.87 17.81 1.80
CA ALA D 64 -38.03 17.20 0.48
C ALA D 64 -39.46 16.85 0.12
N GLY D 65 -40.42 17.01 1.02
CA GLY D 65 -41.82 16.78 0.70
C GLY D 65 -42.27 15.34 0.64
N VAL D 66 -41.41 14.40 1.06
CA VAL D 66 -41.81 12.99 1.11
C VAL D 66 -43.01 12.85 2.04
N THR D 67 -43.95 11.99 1.68
CA THR D 67 -45.04 11.64 2.58
C THR D 67 -44.99 10.21 3.08
N GLN D 68 -44.40 9.28 2.31
CA GLN D 68 -44.28 7.90 2.76
C GLN D 68 -43.06 7.84 3.68
N LEU D 69 -43.32 8.02 4.96
CA LEU D 69 -42.29 8.15 5.99
C LEU D 69 -42.65 7.15 7.07
N ALA D 70 -41.88 6.06 7.13
CA ALA D 70 -42.22 4.91 7.95
C ALA D 70 -41.21 4.77 9.08
N GLY D 71 -41.72 4.60 10.30
CA GLY D 71 -40.86 4.34 11.44
C GLY D 71 -41.53 3.32 12.35
N LEU D 72 -40.73 2.76 13.23
CA LEU D 72 -41.21 1.73 14.14
C LEU D 72 -41.10 2.10 15.61
N ALA D 73 -40.11 2.89 15.99
CA ALA D 73 -39.83 3.06 17.42
C ALA D 73 -39.32 4.47 17.66
N ARG D 74 -39.70 5.01 18.82
CA ARG D 74 -39.27 6.35 19.21
C ARG D 74 -38.85 6.30 20.67
N TYR D 75 -37.61 6.70 20.96
CA TYR D 75 -37.11 6.72 22.33
C TYR D 75 -36.73 8.14 22.75
N PRO D 76 -37.05 8.54 23.98
CA PRO D 76 -36.84 9.96 24.35
C PRO D 76 -35.39 10.34 24.51
N GLN D 77 -34.51 9.42 24.97
CA GLN D 77 -33.15 9.86 25.30
C GLN D 77 -32.30 10.03 24.04
N PRO D 78 -31.45 11.06 23.99
CA PRO D 78 -30.58 11.29 22.82
C PRO D 78 -29.33 10.42 22.87
N MET D 79 -29.51 9.11 22.81
CA MET D 79 -28.41 8.19 22.86
C MET D 79 -28.60 7.13 21.79
N ALA D 80 -27.68 6.17 21.79
CA ALA D 80 -27.78 5.03 20.91
C ALA D 80 -29.12 4.32 21.12
N PRO D 81 -29.69 3.77 20.04
CA PRO D 81 -30.94 3.00 20.21
C PRO D 81 -30.91 2.01 21.37
N ALA D 82 -29.87 1.19 21.49
CA ALA D 82 -29.82 0.18 22.55
C ALA D 82 -29.80 0.82 23.93
N ALA D 83 -29.09 1.93 24.08
CA ALA D 83 -29.03 2.60 25.36
C ALA D 83 -30.30 3.41 25.63
N ALA D 84 -30.84 4.06 24.60
CA ALA D 84 -32.11 4.77 24.74
C ALA D 84 -33.22 3.80 25.15
N ALA D 85 -33.24 2.61 24.56
CA ALA D 85 -34.23 1.61 24.93
C ALA D 85 -34.02 1.12 26.35
N GLU D 86 -32.78 0.77 26.69
CA GLU D 86 -32.49 0.32 28.05
C GLU D 86 -32.89 1.37 29.08
N HIS D 87 -32.59 2.65 28.78
CA HIS D 87 -32.95 3.72 29.70
C HIS D 87 -34.45 3.79 29.92
N ALA D 88 -35.23 3.56 28.86
CA ALA D 88 -36.69 3.64 28.91
C ALA D 88 -37.32 2.36 29.43
N GLY D 89 -36.53 1.33 29.74
CA GLY D 89 -37.08 0.09 30.21
C GLY D 89 -37.78 -0.74 29.15
N MET D 90 -37.44 -0.55 27.88
CA MET D 90 -38.12 -1.26 26.81
C MET D 90 -37.10 -1.78 25.81
N ALA D 91 -37.54 -2.73 24.99
CA ALA D 91 -36.65 -3.35 24.02
C ALA D 91 -36.71 -2.64 22.66
N LEU D 92 -35.63 -2.79 21.90
CA LEU D 92 -35.62 -2.37 20.51
C LEU D 92 -36.62 -3.21 19.72
N PRO D 93 -37.01 -2.75 18.52
CA PRO D 93 -37.85 -3.59 17.65
C PRO D 93 -37.14 -4.88 17.27
N ALA D 94 -37.90 -5.84 16.76
CA ALA D 94 -37.28 -7.08 16.30
C ALA D 94 -36.69 -6.89 14.91
N ARG D 95 -35.70 -7.75 14.59
N ARG D 95 -35.70 -7.73 14.59
CA ARG D 95 -35.06 -7.66 13.28
CA ARG D 95 -35.07 -7.66 13.28
C ARG D 95 -36.06 -7.82 12.15
C ARG D 95 -36.10 -7.78 12.17
N ASP D 96 -37.01 -8.76 12.29
CA ASP D 96 -37.92 -8.99 11.17
C ASP D 96 -38.92 -7.85 11.02
N GLN D 97 -39.20 -7.08 12.09
CA GLN D 97 -39.99 -5.87 11.92
C GLN D 97 -39.31 -4.90 10.95
N ILE D 98 -38.00 -4.71 11.10
CA ILE D 98 -37.31 -3.69 10.32
C ILE D 98 -37.22 -4.10 8.86
N VAL D 99 -36.81 -5.34 8.59
CA VAL D 99 -36.63 -5.73 7.20
C VAL D 99 -37.98 -5.85 6.50
N ARG D 100 -39.01 -6.35 7.19
CA ARG D 100 -40.33 -6.48 6.56
C ARG D 100 -40.94 -5.12 6.26
N LEU D 101 -40.77 -4.15 7.17
CA LEU D 101 -41.28 -2.81 6.91
C LEU D 101 -40.66 -2.21 5.65
N ILE D 102 -39.33 -2.29 5.54
CA ILE D 102 -38.64 -1.85 4.32
C ILE D 102 -39.12 -2.63 3.12
N ALA D 103 -39.19 -3.96 3.25
CA ALA D 103 -39.61 -4.78 2.12
C ALA D 103 -41.01 -4.43 1.67
N ASP D 104 -41.91 -4.13 2.62
CA ASP D 104 -43.27 -3.72 2.28
C ASP D 104 -43.32 -2.33 1.66
N LEU D 105 -42.37 -1.46 2.00
CA LEU D 105 -42.31 -0.14 1.38
C LEU D 105 -41.87 -0.20 -0.07
N ASP D 106 -41.02 -1.17 -0.40
CA ASP D 106 -40.41 -1.27 -1.72
C ASP D 106 -41.46 -1.58 -2.78
N ARG D 107 -41.38 -0.88 -3.90
CA ARG D 107 -42.32 -1.15 -4.99
C ARG D 107 -41.71 -0.63 -6.28
N PRO D 108 -42.12 -1.19 -7.43
CA PRO D 108 -41.56 -0.75 -8.72
C PRO D 108 -41.59 0.75 -8.90
N GLY D 109 -40.48 1.31 -9.40
CA GLY D 109 -40.41 2.74 -9.64
C GLY D 109 -40.23 3.58 -8.39
N ARG D 110 -40.05 2.96 -7.23
CA ARG D 110 -39.89 3.69 -5.97
C ARG D 110 -38.46 3.57 -5.47
N LEU D 111 -37.89 4.68 -5.07
CA LEU D 111 -36.62 4.71 -4.34
C LEU D 111 -36.96 4.74 -2.86
N THR D 112 -36.56 3.69 -2.15
CA THR D 112 -36.79 3.60 -0.71
C THR D 112 -35.45 3.84 -0.02
N LEU D 113 -35.33 4.97 0.67
CA LEU D 113 -34.14 5.27 1.45
C LEU D 113 -34.34 4.75 2.86
N VAL D 114 -33.30 4.14 3.42
CA VAL D 114 -33.35 3.61 4.77
C VAL D 114 -32.30 4.32 5.61
N GLU D 115 -32.72 4.93 6.69
CA GLU D 115 -31.82 5.64 7.57
C GLU D 115 -31.79 4.90 8.90
N GLY D 116 -30.58 4.53 9.33
CA GLY D 116 -30.42 3.96 10.64
C GLY D 116 -30.30 5.04 11.68
N ALA D 117 -29.35 4.87 12.59
CA ALA D 117 -29.01 5.87 13.59
C ALA D 117 -27.51 5.77 13.80
N GLY D 118 -26.84 6.91 13.81
CA GLY D 118 -25.40 6.91 13.97
C GLY D 118 -24.71 6.21 12.83
N GLY D 119 -23.61 5.51 13.16
CA GLY D 119 -22.78 4.89 12.17
C GLY D 119 -23.30 3.54 11.72
N LEU D 120 -22.53 2.94 10.81
CA LEU D 120 -22.99 1.74 10.13
C LEU D 120 -23.19 0.58 11.11
N LEU D 121 -22.32 0.43 12.11
CA LEU D 121 -22.37 -0.78 12.93
C LEU D 121 -23.20 -0.60 14.19
N VAL D 122 -24.04 0.43 14.25
CA VAL D 122 -24.91 0.66 15.39
C VAL D 122 -26.01 -0.39 15.44
N GLU D 123 -26.24 -0.94 16.63
CA GLU D 123 -27.37 -1.84 16.87
C GLU D 123 -28.72 -1.13 16.69
N LEU D 124 -29.50 -1.60 15.73
CA LEU D 124 -30.87 -1.14 15.52
C LEU D 124 -31.92 -2.09 16.08
N ALA D 125 -31.61 -3.39 16.14
CA ALA D 125 -32.52 -4.39 16.69
C ALA D 125 -31.67 -5.45 17.37
N GLU D 126 -32.27 -6.12 18.43
CA GLU D 126 -31.44 -7.13 19.06
C GLU D 126 -31.63 -8.49 18.36
N PRO D 127 -30.60 -9.35 18.35
CA PRO D 127 -29.30 -9.15 18.97
C PRO D 127 -28.24 -8.59 18.02
N GLY D 128 -27.80 -7.37 18.28
CA GLY D 128 -26.73 -6.77 17.49
C GLY D 128 -27.02 -6.63 16.01
N VAL D 129 -28.30 -6.52 15.63
CA VAL D 129 -28.65 -6.28 14.24
C VAL D 129 -28.31 -4.83 13.88
N THR D 130 -27.58 -4.67 12.79
CA THR D 130 -27.12 -3.36 12.34
C THR D 130 -27.74 -3.03 10.99
N LEU D 131 -27.54 -1.78 10.58
CA LEU D 131 -27.99 -1.37 9.26
C LEU D 131 -27.29 -2.17 8.16
N ARG D 132 -26.05 -2.61 8.40
CA ARG D 132 -25.38 -3.43 7.40
C ARG D 132 -26.07 -4.77 7.25
N ASP D 133 -26.49 -5.38 8.37
CA ASP D 133 -27.29 -6.61 8.32
C ASP D 133 -28.57 -6.39 7.53
N VAL D 134 -29.26 -5.28 7.80
CA VAL D 134 -30.49 -4.98 7.08
C VAL D 134 -30.20 -4.81 5.59
N ALA D 135 -29.08 -4.18 5.24
CA ALA D 135 -28.74 -4.01 3.83
C ALA D 135 -28.55 -5.36 3.14
N VAL D 136 -27.85 -6.29 3.79
CA VAL D 136 -27.71 -7.64 3.24
C VAL D 136 -29.08 -8.28 3.02
N ASP D 137 -29.94 -8.18 4.03
CA ASP D 137 -31.20 -8.93 4.05
C ASP D 137 -32.24 -8.41 3.06
N VAL D 138 -32.12 -7.15 2.60
CA VAL D 138 -33.02 -6.64 1.56
C VAL D 138 -32.27 -6.32 0.29
N ALA D 139 -30.99 -6.71 0.21
CA ALA D 139 -30.18 -6.54 -1.00
C ALA D 139 -30.11 -5.08 -1.43
N ALA D 140 -29.87 -4.21 -0.46
CA ALA D 140 -29.72 -2.78 -0.70
C ALA D 140 -28.25 -2.41 -0.75
N ALA D 141 -27.90 -1.45 -1.61
CA ALA D 141 -26.59 -0.83 -1.50
C ALA D 141 -26.61 0.20 -0.36
N ALA D 142 -25.44 0.79 -0.08
CA ALA D 142 -25.28 1.73 1.02
C ALA D 142 -24.60 3.00 0.51
N LEU D 143 -25.28 4.14 0.70
CA LEU D 143 -24.68 5.45 0.48
C LEU D 143 -24.07 5.92 1.80
N VAL D 144 -22.81 6.33 1.76
CA VAL D 144 -22.08 6.66 2.99
C VAL D 144 -21.95 8.18 3.08
N VAL D 145 -22.53 8.76 4.13
CA VAL D 145 -22.38 10.18 4.42
C VAL D 145 -21.12 10.34 5.26
N VAL D 146 -20.28 11.30 4.88
CA VAL D 146 -18.99 11.53 5.50
C VAL D 146 -18.85 13.03 5.73
N THR D 147 -17.94 13.40 6.63
CA THR D 147 -17.58 14.81 6.77
C THR D 147 -16.33 15.13 5.95
N ALA D 148 -16.03 16.43 5.89
CA ALA D 148 -14.79 16.91 5.29
C ALA D 148 -13.70 17.16 6.32
N ASP D 149 -13.96 16.84 7.58
CA ASP D 149 -13.10 17.18 8.71
C ASP D 149 -11.94 16.21 8.89
N LEU D 150 -10.92 16.68 9.58
CA LEU D 150 -9.83 15.85 10.09
C LEU D 150 -10.36 14.59 10.72
N GLY D 151 -9.90 13.45 10.23
CA GLY D 151 -10.31 12.15 10.71
C GLY D 151 -11.29 11.43 9.81
N THR D 152 -11.77 12.09 8.75
CA THR D 152 -12.80 11.48 7.91
C THR D 152 -12.23 10.39 7.02
N LEU D 153 -10.94 10.46 6.68
CA LEU D 153 -10.39 9.44 5.79
C LEU D 153 -10.40 8.08 6.48
N ASN D 154 -9.94 8.03 7.73
CA ASN D 154 -9.93 6.76 8.46
C ASN D 154 -11.34 6.23 8.64
N HIS D 155 -12.26 7.08 9.12
CA HIS D 155 -13.63 6.64 9.35
C HIS D 155 -14.29 6.18 8.06
N THR D 156 -13.97 6.85 6.94
CA THR D 156 -14.55 6.46 5.66
C THR D 156 -13.98 5.11 5.20
N LYS D 157 -12.67 4.94 5.26
CA LYS D 157 -12.09 3.65 4.88
C LYS D 157 -12.59 2.53 5.78
N LEU D 158 -12.74 2.80 7.08
CA LEU D 158 -13.27 1.78 7.99
C LEU D 158 -14.71 1.39 7.64
N THR D 159 -15.55 2.37 7.30
CA THR D 159 -16.92 2.05 6.95
C THR D 159 -16.96 1.27 5.64
N LEU D 160 -16.14 1.67 4.67
CA LEU D 160 -16.17 1.00 3.37
C LEU D 160 -15.65 -0.43 3.49
N GLU D 161 -14.61 -0.64 4.30
CA GLU D 161 -14.18 -2.00 4.57
C GLU D 161 -15.31 -2.81 5.18
N ALA D 162 -16.08 -2.22 6.10
CA ALA D 162 -17.14 -3.00 6.76
C ALA D 162 -18.26 -3.34 5.78
N LEU D 163 -18.59 -2.44 4.87
CA LEU D 163 -19.55 -2.79 3.83
C LEU D 163 -19.04 -3.92 2.94
N ALA D 164 -17.80 -3.78 2.44
CA ALA D 164 -17.26 -4.79 1.53
C ALA D 164 -17.16 -6.15 2.22
N ALA D 165 -16.96 -6.16 3.54
CA ALA D 165 -16.79 -7.42 4.26
C ALA D 165 -18.06 -8.26 4.23
N GLN D 166 -19.22 -7.64 4.09
CA GLN D 166 -20.48 -8.36 3.96
C GLN D 166 -21.10 -8.18 2.58
N GLN D 167 -20.30 -7.83 1.57
CA GLN D 167 -20.76 -7.76 0.19
C GLN D 167 -21.92 -6.80 0.01
N VAL D 168 -21.95 -5.76 0.84
CA VAL D 168 -22.86 -4.63 0.63
C VAL D 168 -22.19 -3.66 -0.31
N SER D 169 -22.82 -3.42 -1.45
CA SER D 169 -22.25 -2.50 -2.43
C SER D 169 -22.29 -1.09 -1.87
N CYS D 170 -21.27 -0.30 -2.19
CA CYS D 170 -21.22 1.10 -1.80
C CYS D 170 -21.69 1.95 -2.98
N ALA D 171 -22.79 2.68 -2.78
CA ALA D 171 -23.33 3.54 -3.83
C ALA D 171 -22.57 4.85 -3.96
N GLY D 172 -21.63 5.11 -3.07
CA GLY D 172 -20.80 6.29 -3.11
C GLY D 172 -20.80 7.02 -1.78
N LEU D 173 -20.11 8.15 -1.77
CA LEU D 173 -20.04 9.02 -0.63
C LEU D 173 -20.85 10.29 -0.88
N VAL D 174 -21.30 10.89 0.21
CA VAL D 174 -21.82 12.26 0.19
C VAL D 174 -21.19 13.00 1.37
N ILE D 175 -20.58 14.15 1.08
CA ILE D 175 -20.07 15.02 2.13
C ILE D 175 -21.28 15.76 2.70
N GLY D 176 -21.58 15.50 3.98
CA GLY D 176 -22.80 16.02 4.54
C GLY D 176 -22.82 17.54 4.64
N SER D 177 -21.67 18.16 4.87
CA SER D 177 -21.56 19.60 4.94
C SER D 177 -20.22 20.02 4.36
N TRP D 178 -20.25 20.90 3.35
CA TRP D 178 -19.04 21.28 2.63
C TRP D 178 -18.70 22.74 2.90
N PRO D 179 -17.58 23.03 3.58
CA PRO D 179 -17.28 24.43 3.92
C PRO D 179 -16.94 25.25 2.68
N ASP D 180 -17.36 26.51 2.69
CA ASP D 180 -17.03 27.45 1.62
C ASP D 180 -16.62 28.80 2.21
N PRO D 181 -15.33 29.18 2.15
CA PRO D 181 -14.29 28.40 1.45
C PRO D 181 -13.75 27.24 2.29
N PRO D 182 -13.23 26.21 1.61
CA PRO D 182 -12.65 25.06 2.33
C PRO D 182 -11.23 25.36 2.79
N GLY D 183 -10.96 25.11 4.07
CA GLY D 183 -9.60 25.17 4.58
C GLY D 183 -8.73 24.09 3.95
N LEU D 184 -7.46 24.06 4.38
CA LEU D 184 -6.52 23.08 3.84
C LEU D 184 -7.02 21.66 4.02
N VAL D 185 -7.44 21.29 5.24
CA VAL D 185 -7.78 19.90 5.52
C VAL D 185 -9.02 19.48 4.73
N ALA D 186 -10.07 20.32 4.75
CA ALA D 186 -11.28 20.00 3.99
C ALA D 186 -10.96 19.82 2.51
N ALA D 187 -10.25 20.79 1.92
CA ALA D 187 -9.91 20.69 0.50
C ALA D 187 -9.10 19.44 0.23
N SER D 188 -8.13 19.15 1.11
CA SER D 188 -7.34 17.93 0.96
C SER D 188 -8.21 16.68 1.09
N ASN D 189 -9.14 16.69 2.05
CA ASN D 189 -9.96 15.50 2.30
C ASN D 189 -10.91 15.22 1.15
N ARG D 190 -11.47 16.26 0.54
CA ARG D 190 -12.32 16.06 -0.63
C ARG D 190 -11.56 15.34 -1.75
N SER D 191 -10.32 15.76 -2.03
CA SER D 191 -9.50 15.08 -3.03
C SER D 191 -9.23 13.64 -2.63
N ALA D 192 -8.91 13.41 -1.36
CA ALA D 192 -8.62 12.05 -0.92
C ALA D 192 -9.87 11.19 -0.95
N LEU D 193 -11.01 11.75 -0.54
CA LEU D 193 -12.26 10.99 -0.57
C LEU D 193 -12.62 10.56 -1.98
N ALA D 194 -12.44 11.46 -2.97
CA ALA D 194 -12.79 11.13 -4.35
C ALA D 194 -11.95 9.98 -4.88
N ARG D 195 -10.75 9.80 -4.36
CA ARG D 195 -9.96 8.65 -4.78
C ARG D 195 -10.30 7.38 -4.02
N ILE D 196 -11.10 7.48 -2.95
CA ILE D 196 -11.56 6.28 -2.24
C ILE D 196 -12.83 5.73 -2.88
N ALA D 197 -13.74 6.60 -3.31
CA ALA D 197 -15.02 6.18 -3.85
C ALA D 197 -15.64 7.39 -4.53
N MET D 198 -16.73 7.17 -5.26
CA MET D 198 -17.40 8.27 -5.95
C MET D 198 -18.05 9.20 -4.94
N VAL D 199 -17.72 10.49 -5.01
CA VAL D 199 -18.36 11.51 -4.20
C VAL D 199 -19.58 11.98 -4.99
N ARG D 200 -20.78 11.56 -4.54
CA ARG D 200 -22.00 11.85 -5.28
C ARG D 200 -22.47 13.29 -5.08
N ALA D 201 -22.07 13.93 -3.99
CA ALA D 201 -22.55 15.26 -3.64
C ALA D 201 -21.73 15.78 -2.47
N ALA D 202 -21.64 17.10 -2.38
CA ALA D 202 -21.14 17.77 -1.19
C ALA D 202 -22.16 18.85 -0.85
N LEU D 203 -23.00 18.59 0.15
CA LEU D 203 -24.06 19.55 0.44
C LEU D 203 -23.49 20.83 1.04
N PRO D 204 -24.00 21.99 0.64
CA PRO D 204 -23.52 23.25 1.21
C PRO D 204 -23.72 23.32 2.72
N ALA D 205 -22.89 24.11 3.37
CA ALA D 205 -22.81 24.11 4.83
C ALA D 205 -24.18 24.25 5.49
N GLY D 206 -24.99 25.19 5.02
CA GLY D 206 -26.22 25.46 5.73
C GLY D 206 -27.46 24.81 5.14
N ALA D 207 -27.28 23.66 4.49
CA ALA D 207 -28.36 23.07 3.69
C ALA D 207 -29.60 22.81 4.53
N ALA D 208 -29.43 22.36 5.77
CA ALA D 208 -30.56 21.95 6.62
C ALA D 208 -31.51 23.10 6.93
N SER D 209 -31.03 24.33 6.91
CA SER D 209 -31.83 25.49 7.28
C SER D 209 -32.52 26.13 6.09
N LEU D 210 -32.27 25.65 4.89
CA LEU D 210 -32.94 26.16 3.70
C LEU D 210 -34.43 25.85 3.76
N ASP D 211 -35.23 26.70 3.13
CA ASP D 211 -36.65 26.37 3.00
C ASP D 211 -36.85 25.41 1.84
N ALA D 212 -38.09 24.93 1.72
CA ALA D 212 -38.38 23.85 0.77
C ALA D 212 -37.99 24.22 -0.66
N GLY D 213 -38.24 25.48 -1.05
CA GLY D 213 -37.86 25.90 -2.39
C GLY D 213 -36.36 25.86 -2.59
N ASP D 214 -35.60 26.51 -1.69
CA ASP D 214 -34.16 26.56 -1.81
C ASP D 214 -33.52 25.18 -1.64
N PHE D 215 -33.97 24.42 -0.64
CA PHE D 215 -33.43 23.08 -0.45
C PHE D 215 -33.64 22.23 -1.69
N ALA D 216 -34.79 22.38 -2.34
CA ALA D 216 -35.06 21.62 -3.56
C ALA D 216 -34.09 22.00 -4.68
N ALA D 217 -33.85 23.31 -4.84
CA ALA D 217 -32.89 23.77 -5.84
C ALA D 217 -31.48 23.26 -5.52
N MET D 218 -31.09 23.33 -4.25
CA MET D 218 -29.79 22.80 -3.84
C MET D 218 -29.67 21.33 -4.18
N SER D 219 -30.69 20.54 -3.84
CA SER D 219 -30.62 19.10 -4.03
C SER D 219 -30.46 18.74 -5.50
N ALA D 220 -31.23 19.38 -6.39
CA ALA D 220 -31.10 19.12 -7.81
C ALA D 220 -29.70 19.45 -8.32
N ALA D 221 -29.12 20.56 -7.83
CA ALA D 221 -27.79 20.95 -8.25
C ALA D 221 -26.70 20.03 -7.69
N ALA D 222 -26.94 19.40 -6.54
CA ALA D 222 -25.85 18.78 -5.80
C ALA D 222 -25.54 17.37 -6.29
N PHE D 223 -26.52 16.67 -6.83
CA PHE D 223 -26.31 15.34 -7.39
C PHE D 223 -26.27 15.41 -8.91
N ASP D 224 -25.62 14.44 -9.51
CA ASP D 224 -25.68 14.27 -10.96
C ASP D 224 -27.05 13.70 -11.34
N ARG D 225 -27.77 14.41 -12.21
CA ARG D 225 -29.13 13.98 -12.57
C ARG D 225 -29.11 12.58 -13.15
N ASN D 226 -28.11 12.26 -14.00
CA ASN D 226 -28.01 10.92 -14.56
C ASN D 226 -27.89 9.87 -13.47
N TRP D 227 -27.00 10.10 -12.49
CA TRP D 227 -26.85 9.14 -11.41
C TRP D 227 -28.16 8.97 -10.65
N VAL D 228 -28.80 10.08 -10.29
CA VAL D 228 -30.06 10.02 -9.55
C VAL D 228 -31.11 9.23 -10.34
N ALA D 229 -31.31 9.58 -11.61
CA ALA D 229 -32.34 8.89 -12.40
C ALA D 229 -31.98 7.42 -12.61
N GLY D 230 -30.69 7.08 -12.63
CA GLY D 230 -30.27 5.70 -12.77
C GLY D 230 -30.54 4.82 -11.55
N LEU D 231 -30.75 5.43 -10.38
CA LEU D 231 -31.09 4.64 -9.20
C LEU D 231 -32.40 3.88 -9.40
N VAL D 232 -33.34 4.49 -10.14
CA VAL D 232 -34.66 3.96 -10.50
C VAL D 232 -35.30 3.18 -9.38
#